data_5YF0
#
_entry.id   5YF0
#
_cell.length_a   127.769
_cell.length_b   127.769
_cell.length_c   324.957
_cell.angle_alpha   90.000
_cell.angle_beta   90.000
_cell.angle_gamma   120.000
#
_symmetry.space_group_name_H-M   'P 61 2 2'
#
loop_
_entity.id
_entity.type
_entity.pdbx_description
1 polymer 'Carnosine N-methyltransferase'
2 non-polymer 1,2-ETHANEDIOL
3 non-polymer 'ACETATE ION'
4 non-polymer S-ADENOSYLMETHIONINE
5 non-polymer 'CALCIUM ION'
6 water water
#
_entity_poly.entity_id   1
_entity_poly.type   'polypeptide(L)'
_entity_poly.pdbx_seq_one_letter_code
;GPLGSSTEEEEERLEREHFWKIINAFRYYGTSMHERVNRTERQFRSLPANQQKLLPQFLLHLDKIRKCIDHNQEILLTIV
NDCIHMFENKEYGEDGNGKIMPASTFDMDKLKSTLKQFVRDWSETGKAERDACYQPIIKEILKNFPKERWDPSKVNILVP
GAGLGRLAWEIAMLGYACQGNEWSFFMLFSSNFVLNRCSEINKYKLYPWIHQFSNNRRSADQIRPIFFPDVDPHSLPPGS
NFSMTAGDFQEIYSECNTWDCIATCFFIDTAHNVIDYIDTIWKILKPGGIWINLGPLLYHFENLANELSIELSYEDIKNV
VLQYGFKVEVEKESVLSTYTVNDLSMMKYYYECVLFVVRKPQ
;
_entity_poly.pdbx_strand_id   A,B
#
# COMPACT_ATOMS: atom_id res chain seq x y z
N ARG A 13 11.11 35.04 -12.50
CA ARG A 13 11.61 33.78 -13.02
C ARG A 13 10.58 32.66 -12.79
N LEU A 14 10.78 31.52 -13.48
CA LEU A 14 9.88 30.39 -13.32
C LEU A 14 9.97 29.74 -11.94
N GLU A 15 11.01 30.04 -11.16
CA GLU A 15 11.02 29.58 -9.78
C GLU A 15 10.01 30.34 -8.94
N ARG A 16 9.82 31.63 -9.23
CA ARG A 16 8.78 32.39 -8.52
C ARG A 16 7.39 31.95 -8.96
N GLU A 17 7.25 31.45 -10.18
CA GLU A 17 5.99 30.82 -10.59
C GLU A 17 5.73 29.55 -9.77
N HIS A 18 6.73 28.69 -9.67
CA HIS A 18 6.61 27.47 -8.87
C HIS A 18 6.35 27.81 -7.40
N PHE A 19 6.97 28.88 -6.91
CA PHE A 19 6.73 29.33 -5.54
C PHE A 19 5.26 29.62 -5.30
N TRP A 20 4.70 30.54 -6.07
CA TRP A 20 3.30 30.92 -5.90
C TRP A 20 2.35 29.77 -6.18
N LYS A 21 2.76 28.79 -6.99
CA LYS A 21 1.95 27.61 -7.22
C LYS A 21 1.75 26.82 -5.92
N ILE A 22 2.78 26.78 -5.06
CA ILE A 22 2.68 26.03 -3.82
C ILE A 22 1.93 26.83 -2.76
N ILE A 23 2.16 28.15 -2.70
CA ILE A 23 1.38 29.02 -1.84
C ILE A 23 -0.11 28.83 -2.12
N ASN A 24 -0.48 28.84 -3.40
CA ASN A 24 -1.86 28.65 -3.78
C ASN A 24 -2.39 27.28 -3.29
N ALA A 25 -1.57 26.24 -3.38
CA ALA A 25 -2.00 24.91 -2.91
C ALA A 25 -2.31 24.93 -1.42
N PHE A 26 -1.43 25.53 -0.62
CA PHE A 26 -1.69 25.71 0.80
C PHE A 26 -3.04 26.37 1.04
N ARG A 27 -3.39 27.33 0.20
CA ARG A 27 -4.64 28.06 0.37
C ARG A 27 -5.84 27.32 -0.20
N TYR A 28 -5.65 26.29 -1.01
CA TYR A 28 -6.74 25.53 -1.59
C TYR A 28 -7.13 24.33 -0.76
N TYR A 29 -6.41 24.05 0.34
CA TYR A 29 -6.63 22.83 1.12
C TYR A 29 -8.09 22.67 1.52
N GLY A 30 -8.66 23.71 2.15
CA GLY A 30 -10.03 23.60 2.64
C GLY A 30 -11.03 23.37 1.53
N THR A 31 -10.89 24.09 0.41
CA THR A 31 -11.76 23.88 -0.74
C THR A 31 -11.69 22.43 -1.20
N SER A 32 -10.48 21.93 -1.41
CA SER A 32 -10.33 20.56 -1.90
C SER A 32 -10.91 19.54 -0.93
N MET A 33 -10.74 19.75 0.37
CA MET A 33 -11.23 18.77 1.33
C MET A 33 -12.74 18.89 1.54
N HIS A 34 -13.29 20.11 1.51
CA HIS A 34 -14.74 20.26 1.65
C HIS A 34 -15.48 19.62 0.49
N GLU A 35 -14.89 19.65 -0.71
CA GLU A 35 -15.51 18.98 -1.86
C GLU A 35 -15.54 17.47 -1.66
N ARG A 36 -14.44 16.90 -1.16
CA ARG A 36 -14.42 15.49 -0.82
C ARG A 36 -15.53 15.14 0.17
N VAL A 37 -15.69 15.95 1.22
CA VAL A 37 -16.73 15.65 2.21
C VAL A 37 -18.12 15.82 1.57
N ASN A 38 -18.26 16.78 0.66
CA ASN A 38 -19.52 16.97 -0.05
C ASN A 38 -19.94 15.71 -0.82
N ARG A 39 -18.98 15.02 -1.41
CA ARG A 39 -19.31 13.81 -2.17
C ARG A 39 -19.82 12.73 -1.22
N THR A 40 -19.15 12.55 -0.09
CA THR A 40 -19.64 11.62 0.91
C THR A 40 -21.03 12.03 1.40
N GLU A 41 -21.24 13.34 1.65
CA GLU A 41 -22.54 13.75 2.17
C GLU A 41 -23.64 13.51 1.13
N ARG A 42 -23.40 13.91 -0.11
CA ARG A 42 -24.36 13.72 -1.19
C ARG A 42 -24.73 12.24 -1.35
N GLN A 43 -23.74 11.37 -1.23
CA GLN A 43 -24.01 9.94 -1.42
C GLN A 43 -24.81 9.38 -0.25
N PHE A 44 -24.47 9.78 0.98
CA PHE A 44 -25.28 9.37 2.13
C PHE A 44 -26.72 9.88 1.99
N ARG A 45 -26.90 11.15 1.63
CA ARG A 45 -28.26 11.65 1.51
C ARG A 45 -29.01 10.99 0.35
N SER A 46 -28.29 10.43 -0.63
CA SER A 46 -28.94 9.70 -1.71
C SER A 46 -29.52 8.36 -1.25
N LEU A 47 -29.11 7.85 -0.11
CA LEU A 47 -29.56 6.55 0.35
C LEU A 47 -31.03 6.60 0.75
N PRO A 48 -31.72 5.45 0.75
CA PRO A 48 -33.08 5.41 1.28
C PRO A 48 -33.10 5.85 2.74
N ALA A 49 -34.20 6.51 3.11
CA ALA A 49 -34.34 7.04 4.46
C ALA A 49 -34.17 5.94 5.51
N ASN A 50 -34.68 4.73 5.23
CA ASN A 50 -34.56 3.65 6.20
C ASN A 50 -33.11 3.28 6.45
N GLN A 51 -32.22 3.50 5.48
CA GLN A 51 -30.81 3.23 5.74
C GLN A 51 -30.15 4.38 6.47
N GLN A 52 -30.45 5.62 6.06
CA GLN A 52 -29.88 6.77 6.77
C GLN A 52 -30.23 6.74 8.25
N LYS A 53 -31.44 6.27 8.60
CA LYS A 53 -31.85 6.21 9.99
C LYS A 53 -31.03 5.19 10.80
N LEU A 54 -30.39 4.22 10.15
CA LEU A 54 -29.50 3.32 10.86
C LEU A 54 -28.29 4.03 11.45
N LEU A 55 -27.95 5.22 10.94
CA LEU A 55 -26.72 5.92 11.28
C LEU A 55 -27.05 7.35 11.66
N PRO A 56 -27.70 7.56 12.82
CA PRO A 56 -28.23 8.89 13.15
C PRO A 56 -27.16 9.93 13.45
N GLN A 57 -25.89 9.53 13.61
CA GLN A 57 -24.80 10.46 13.86
C GLN A 57 -23.91 10.69 12.64
N PHE A 58 -24.20 10.03 11.52
CA PHE A 58 -23.31 10.09 10.36
C PHE A 58 -23.08 11.53 9.89
N LEU A 59 -24.17 12.29 9.73
CA LEU A 59 -24.03 13.64 9.19
C LEU A 59 -23.39 14.59 10.20
N LEU A 60 -23.66 14.40 11.49
CA LEU A 60 -22.96 15.18 12.49
C LEU A 60 -21.45 14.89 12.46
N HIS A 61 -21.08 13.65 12.15
CA HIS A 61 -19.67 13.32 12.11
C HIS A 61 -18.98 13.99 10.93
N LEU A 62 -19.66 14.06 9.78
CA LEU A 62 -19.09 14.85 8.68
C LEU A 62 -18.87 16.29 9.10
N ASP A 63 -19.74 16.83 9.94
CA ASP A 63 -19.57 18.19 10.39
C ASP A 63 -18.32 18.34 11.25
N LYS A 64 -18.00 17.33 12.06
CA LYS A 64 -16.76 17.38 12.81
C LYS A 64 -15.56 17.31 11.87
N ILE A 65 -15.64 16.48 10.84
CA ILE A 65 -14.58 16.46 9.84
C ILE A 65 -14.37 17.84 9.22
N ARG A 66 -15.48 18.53 8.90
CA ARG A 66 -15.37 19.87 8.30
C ARG A 66 -14.72 20.85 9.27
N LYS A 67 -15.01 20.73 10.56
CA LYS A 67 -14.31 21.57 11.53
C LYS A 67 -12.81 21.28 11.54
N CYS A 68 -12.42 20.01 11.49
CA CYS A 68 -11.00 19.65 11.47
C CYS A 68 -10.33 20.14 10.20
N ILE A 69 -11.02 20.07 9.06
CA ILE A 69 -10.52 20.67 7.83
C ILE A 69 -10.24 22.15 8.05
N ASP A 70 -11.21 22.88 8.58
CA ASP A 70 -11.03 24.32 8.80
C ASP A 70 -9.85 24.58 9.72
N HIS A 71 -9.73 23.80 10.80
CA HIS A 71 -8.60 24.02 11.70
C HIS A 71 -7.27 23.77 10.98
N ASN A 72 -7.19 22.68 10.20
CA ASN A 72 -5.99 22.45 9.41
C ASN A 72 -5.71 23.60 8.47
N GLN A 73 -6.76 24.16 7.86
CA GLN A 73 -6.54 25.26 6.93
C GLN A 73 -6.01 26.49 7.64
N GLU A 74 -6.43 26.73 8.88
CA GLU A 74 -5.86 27.83 9.65
C GLU A 74 -4.36 27.61 9.86
N ILE A 75 -3.96 26.40 10.25
CA ILE A 75 -2.54 26.12 10.46
C ILE A 75 -1.76 26.37 9.18
N LEU A 76 -2.25 25.83 8.06
CA LEU A 76 -1.58 26.04 6.78
C LEU A 76 -1.47 27.53 6.46
N LEU A 77 -2.50 28.31 6.82
CA LEU A 77 -2.48 29.74 6.54
C LEU A 77 -1.46 30.46 7.41
N THR A 78 -1.30 30.06 8.68
CA THR A 78 -0.25 30.73 9.45
C THR A 78 1.13 30.30 8.95
N ILE A 79 1.26 29.06 8.46
CA ILE A 79 2.53 28.66 7.85
C ILE A 79 2.85 29.55 6.66
N VAL A 80 1.87 29.73 5.77
CA VAL A 80 2.10 30.50 4.56
C VAL A 80 2.35 31.97 4.88
N ASN A 81 1.62 32.51 5.86
CA ASN A 81 1.78 33.93 6.17
C ASN A 81 3.06 34.20 6.95
N ASP A 82 3.39 33.33 7.91
CA ASP A 82 4.67 33.42 8.61
C ASP A 82 5.85 33.05 7.71
N CYS A 83 5.59 32.74 6.43
CA CYS A 83 6.61 32.53 5.43
C CYS A 83 6.81 33.74 4.52
N ILE A 84 5.83 34.64 4.47
CA ILE A 84 5.90 35.83 3.63
C ILE A 84 6.26 37.07 4.45
N LYS A 99 -6.85 36.05 -4.74
CA LYS A 99 -7.62 35.04 -5.48
C LYS A 99 -7.04 33.65 -5.24
N ILE A 100 -7.89 32.63 -5.20
CA ILE A 100 -7.48 31.25 -5.02
C ILE A 100 -7.95 30.45 -6.23
N MET A 101 -6.99 29.82 -6.93
CA MET A 101 -7.19 28.99 -8.11
C MET A 101 -7.09 27.51 -7.75
N PRO A 102 -7.78 26.64 -8.48
CA PRO A 102 -7.77 25.21 -8.14
C PRO A 102 -6.38 24.60 -8.28
N ALA A 103 -5.91 23.98 -7.20
CA ALA A 103 -4.63 23.31 -7.25
C ALA A 103 -4.78 21.91 -7.84
N SER A 104 -3.64 21.32 -8.19
CA SER A 104 -3.65 20.01 -8.82
C SER A 104 -3.84 18.91 -7.79
N THR A 105 -4.49 17.82 -8.22
CA THR A 105 -4.60 16.65 -7.36
C THR A 105 -3.24 16.18 -6.91
N PHE A 106 -2.22 16.33 -7.76
CA PHE A 106 -0.87 15.97 -7.39
C PHE A 106 -0.37 16.82 -6.21
N ASP A 107 -0.73 18.10 -6.18
CA ASP A 107 -0.23 18.98 -5.15
C ASP A 107 -1.01 18.85 -3.85
N MET A 108 -2.30 18.51 -3.91
CA MET A 108 -3.03 18.28 -2.67
C MET A 108 -2.55 17.01 -1.97
N ASP A 109 -2.12 16.00 -2.74
CA ASP A 109 -1.58 14.78 -2.12
C ASP A 109 -0.28 15.07 -1.39
N LYS A 110 0.60 15.88 -2.00
CA LYS A 110 1.80 16.32 -1.30
C LYS A 110 1.45 17.10 -0.05
N LEU A 111 0.37 17.89 -0.09
CA LEU A 111 -0.04 18.64 1.09
C LEU A 111 -0.46 17.70 2.20
N LYS A 112 -1.33 16.73 1.88
CA LYS A 112 -1.75 15.75 2.88
C LYS A 112 -0.55 15.03 3.49
N SER A 113 0.46 14.70 2.67
CA SER A 113 1.64 14.04 3.21
C SER A 113 2.41 14.95 4.14
N THR A 114 2.45 16.24 3.82
CA THR A 114 3.19 17.18 4.67
C THR A 114 2.56 17.27 6.06
N LEU A 115 1.23 17.34 6.13
CA LEU A 115 0.58 17.30 7.44
C LEU A 115 0.99 16.04 8.21
N LYS A 116 1.00 14.88 7.55
CA LYS A 116 1.42 13.64 8.22
C LYS A 116 2.88 13.73 8.68
N GLN A 117 3.72 14.43 7.91
CA GLN A 117 5.13 14.56 8.30
C GLN A 117 5.27 15.23 9.65
N PHE A 118 4.34 16.13 10.01
CA PHE A 118 4.37 16.73 11.35
C PHE A 118 4.26 15.66 12.44
N VAL A 119 3.53 14.57 12.18
CA VAL A 119 3.46 13.51 13.19
C VAL A 119 4.84 12.89 13.38
N ARG A 120 5.48 12.49 12.28
CA ARG A 120 6.75 11.80 12.33
C ARG A 120 7.84 12.66 12.98
N ASP A 121 7.93 13.92 12.58
CA ASP A 121 9.09 14.72 12.95
C ASP A 121 8.92 15.52 14.24
N TRP A 122 7.71 16.01 14.56
CA TRP A 122 7.58 16.97 15.66
C TRP A 122 6.45 16.67 16.64
N SER A 123 5.92 15.45 16.65
CA SER A 123 4.91 15.09 17.62
C SER A 123 5.39 13.93 18.48
N GLU A 124 4.85 13.85 19.70
CA GLU A 124 5.13 12.69 20.54
C GLU A 124 4.59 11.41 19.92
N THR A 125 3.47 11.51 19.20
CA THR A 125 2.94 10.38 18.45
C THR A 125 3.99 9.74 17.56
N GLY A 126 4.90 10.52 17.01
CA GLY A 126 5.89 10.00 16.08
C GLY A 126 7.15 9.42 16.71
N LYS A 127 7.18 9.27 18.03
CA LYS A 127 8.44 8.93 18.69
C LYS A 127 8.92 7.53 18.33
N ALA A 128 8.03 6.55 18.34
CA ALA A 128 8.42 5.19 18.02
C ALA A 128 9.00 5.10 16.62
N GLU A 129 8.44 5.85 15.68
CA GLU A 129 9.00 5.90 14.33
C GLU A 129 10.39 6.54 14.33
N ARG A 130 10.53 7.70 14.98
CA ARG A 130 11.84 8.34 15.08
C ARG A 130 12.86 7.43 15.73
N ASP A 131 12.46 6.70 16.76
CA ASP A 131 13.41 5.83 17.44
C ASP A 131 13.88 4.70 16.54
N ALA A 132 13.05 4.28 15.59
CA ALA A 132 13.43 3.18 14.72
C ALA A 132 14.29 3.65 13.56
N CYS A 133 14.09 4.88 13.05
CA CYS A 133 14.83 5.39 11.90
C CYS A 133 15.97 6.32 12.29
N TYR A 134 15.74 7.25 13.22
CA TYR A 134 16.72 8.29 13.52
C TYR A 134 17.78 7.81 14.50
N GLN A 135 17.38 7.03 15.51
CA GLN A 135 18.34 6.56 16.51
C GLN A 135 19.44 5.69 15.93
N PRO A 136 19.18 4.77 14.99
CA PRO A 136 20.32 4.04 14.39
C PRO A 136 21.30 4.94 13.66
N ILE A 137 20.81 6.01 13.02
CA ILE A 137 21.72 6.92 12.34
C ILE A 137 22.54 7.71 13.36
N ILE A 138 21.88 8.23 14.39
CA ILE A 138 22.59 9.04 15.36
C ILE A 138 23.65 8.20 16.07
N LYS A 139 23.32 6.95 16.40
CA LYS A 139 24.29 6.05 17.03
C LYS A 139 25.50 5.83 16.13
N GLU A 140 25.31 5.73 14.82
CA GLU A 140 26.48 5.59 13.95
C GLU A 140 27.30 6.87 13.91
N ILE A 141 26.64 8.04 13.99
CA ILE A 141 27.38 9.28 14.03
C ILE A 141 28.20 9.37 15.31
N LEU A 142 27.58 9.05 16.46
CA LEU A 142 28.30 9.07 17.73
C LEU A 142 29.47 8.10 17.72
N LYS A 143 29.29 6.93 17.09
CA LYS A 143 30.36 5.95 17.05
C LYS A 143 31.52 6.44 16.20
N ASN A 144 31.23 7.15 15.11
CA ASN A 144 32.25 7.54 14.16
C ASN A 144 32.86 8.91 14.43
N PHE A 145 32.22 9.74 15.26
CA PHE A 145 32.76 11.04 15.63
C PHE A 145 32.72 11.24 17.14
N PRO A 146 33.39 10.36 17.89
CA PRO A 146 33.37 10.50 19.35
C PRO A 146 34.25 11.64 19.82
N LYS A 147 33.88 12.20 20.97
CA LYS A 147 34.60 13.33 21.54
C LYS A 147 36.06 13.03 21.83
N GLU A 148 36.42 11.75 21.97
CA GLU A 148 37.81 11.40 22.23
C GLU A 148 38.68 11.65 21.01
N ARG A 149 38.09 11.78 19.84
CA ARG A 149 38.77 11.98 18.58
C ARG A 149 38.46 13.31 17.91
N TRP A 150 37.23 13.82 18.03
CA TRP A 150 36.78 14.94 17.22
C TRP A 150 36.28 16.09 18.10
N ASP A 151 36.63 17.30 17.70
CA ASP A 151 35.89 18.46 18.15
C ASP A 151 34.57 18.48 17.37
N PRO A 152 33.43 18.20 18.01
CA PRO A 152 32.20 18.04 17.24
C PRO A 152 31.79 19.27 16.44
N SER A 153 32.13 20.47 16.94
CA SER A 153 31.75 21.69 16.25
C SER A 153 32.46 21.84 14.91
N LYS A 154 33.49 21.05 14.65
CA LYS A 154 34.16 21.06 13.36
C LYS A 154 33.77 19.88 12.48
N VAL A 155 32.85 19.03 12.94
CA VAL A 155 32.35 17.92 12.14
C VAL A 155 31.17 18.44 11.35
N ASN A 156 31.30 18.47 10.02
CA ASN A 156 30.23 18.94 9.15
C ASN A 156 29.40 17.77 8.66
N ILE A 157 28.12 17.76 9.02
CA ILE A 157 27.22 16.66 8.68
C ILE A 157 26.07 17.22 7.83
N LEU A 158 25.79 16.55 6.72
CA LEU A 158 24.76 16.98 5.78
C LEU A 158 23.63 15.95 5.77
N VAL A 159 22.40 16.43 5.84
CA VAL A 159 21.21 15.58 5.83
C VAL A 159 20.38 15.92 4.59
N PRO A 160 20.61 15.28 3.43
CA PRO A 160 19.79 15.60 2.25
C PRO A 160 18.36 15.10 2.44
N GLY A 161 17.42 15.78 1.79
CA GLY A 161 16.00 15.49 1.95
C GLY A 161 15.57 15.46 3.41
N ALA A 162 15.85 16.54 4.14
CA ALA A 162 15.67 16.53 5.59
C ALA A 162 14.22 16.59 6.01
N GLY A 163 13.27 16.66 5.07
CA GLY A 163 11.87 16.68 5.44
C GLY A 163 11.55 17.87 6.32
N LEU A 164 11.06 17.62 7.53
CA LEU A 164 10.76 18.70 8.44
C LEU A 164 11.90 19.01 9.42
N GLY A 165 13.04 18.34 9.27
CA GLY A 165 14.26 18.78 9.93
C GLY A 165 14.59 18.10 11.25
N ARG A 166 13.78 17.15 11.73
CA ARG A 166 13.98 16.63 13.08
C ARG A 166 15.31 15.91 13.22
N LEU A 167 15.65 15.05 12.25
CA LEU A 167 16.92 14.32 12.33
C LEU A 167 18.11 15.28 12.34
N ALA A 168 18.14 16.23 11.41
CA ALA A 168 19.23 17.20 11.39
C ALA A 168 19.28 17.97 12.69
N TRP A 169 18.12 18.34 13.22
CA TRP A 169 18.06 19.04 14.50
C TRP A 169 18.61 18.19 15.65
N GLU A 170 18.24 16.90 15.68
CA GLU A 170 18.80 16.04 16.71
C GLU A 170 20.31 15.96 16.61
N ILE A 171 20.83 15.90 15.38
CA ILE A 171 22.29 15.84 15.19
C ILE A 171 22.95 17.11 15.69
N ALA A 172 22.34 18.27 15.41
CA ALA A 172 22.87 19.53 15.89
C ALA A 172 22.78 19.64 17.41
N MET A 173 21.76 19.01 18.00
CA MET A 173 21.65 19.00 19.47
C MET A 173 22.82 18.31 20.14
N LEU A 174 23.51 17.41 19.42
CA LEU A 174 24.67 16.73 19.98
C LEU A 174 25.95 17.57 19.87
N GLY A 175 25.88 18.71 19.20
CA GLY A 175 27.02 19.60 19.07
C GLY A 175 27.71 19.58 17.72
N TYR A 176 27.29 18.72 16.80
CA TYR A 176 27.92 18.71 15.49
C TYR A 176 27.36 19.84 14.62
N ALA A 177 28.16 20.25 13.63
CA ALA A 177 27.73 21.25 12.66
C ALA A 177 26.89 20.54 11.61
N CYS A 178 25.58 20.68 11.70
CA CYS A 178 24.66 19.90 10.89
C CYS A 178 23.84 20.81 10.00
N GLN A 179 23.74 20.45 8.73
CA GLN A 179 22.94 21.19 7.77
C GLN A 179 21.93 20.23 7.16
N GLY A 180 20.65 20.61 7.23
CA GLY A 180 19.63 19.91 6.50
C GLY A 180 19.42 20.54 5.14
N ASN A 181 18.99 19.73 4.18
CA ASN A 181 18.72 20.21 2.84
C ASN A 181 17.40 19.64 2.36
N GLU A 182 16.57 20.49 1.74
CA GLU A 182 15.26 20.05 1.30
C GLU A 182 14.86 20.76 0.02
N TRP A 183 14.25 20.00 -0.88
N TRP A 183 14.26 20.00 -0.89
CA TRP A 183 13.84 20.45 -2.21
CA TRP A 183 13.85 20.53 -2.19
C TRP A 183 12.40 20.97 -2.22
C TRP A 183 12.39 20.96 -2.24
N SER A 184 11.52 20.32 -1.46
CA SER A 184 10.09 20.58 -1.55
C SER A 184 9.72 21.84 -0.77
N PHE A 185 9.02 22.75 -1.45
CA PHE A 185 8.51 23.94 -0.77
C PHE A 185 7.51 23.58 0.32
N PHE A 186 6.68 22.54 0.09
CA PHE A 186 5.81 22.06 1.15
C PHE A 186 6.61 21.83 2.43
N MET A 187 7.72 21.11 2.33
CA MET A 187 8.53 20.81 3.50
C MET A 187 9.26 22.04 4.03
N LEU A 188 9.78 22.88 3.12
CA LEU A 188 10.56 24.04 3.55
C LEU A 188 9.68 25.07 4.26
N PHE A 189 8.48 25.35 3.72
CA PHE A 189 7.56 26.24 4.44
C PHE A 189 7.27 25.72 5.84
N SER A 190 7.02 24.41 5.95
CA SER A 190 6.61 23.83 7.22
C SER A 190 7.77 23.75 8.19
N SER A 191 8.95 23.36 7.72
CA SER A 191 10.10 23.32 8.61
C SER A 191 10.48 24.73 9.09
N ASN A 192 10.33 25.72 8.21
CA ASN A 192 10.59 27.09 8.63
C ASN A 192 9.64 27.49 9.76
N PHE A 193 8.37 27.13 9.65
CA PHE A 193 7.42 27.45 10.70
C PHE A 193 7.79 26.75 12.02
N VAL A 194 8.07 25.46 11.96
CA VAL A 194 8.37 24.73 13.19
C VAL A 194 9.69 25.20 13.80
N LEU A 195 10.73 25.37 12.97
CA LEU A 195 12.07 25.60 13.49
C LEU A 195 12.28 27.03 13.99
N ASN A 196 11.49 28.00 13.51
CA ASN A 196 11.76 29.39 13.79
C ASN A 196 10.62 30.14 14.47
N ARG A 197 9.43 29.56 14.55
CA ARG A 197 8.28 30.24 15.13
C ARG A 197 7.62 29.43 16.24
N CYS A 198 8.22 28.33 16.66
CA CYS A 198 7.66 27.46 17.69
C CYS A 198 8.64 27.34 18.85
N SER A 199 8.13 27.55 20.06
CA SER A 199 8.90 27.35 21.28
C SER A 199 8.07 26.57 22.28
N GLU A 200 6.85 27.05 22.54
CA GLU A 200 5.97 26.38 23.48
C GLU A 200 5.65 24.96 23.02
N ILE A 201 6.00 24.00 23.87
CA ILE A 201 5.76 22.60 23.56
C ILE A 201 4.27 22.33 23.40
N ASN A 202 3.91 21.63 22.33
CA ASN A 202 2.53 21.18 22.07
C ASN A 202 1.54 22.35 21.96
N LYS A 203 2.04 23.51 21.56
CA LYS A 203 1.17 24.67 21.36
C LYS A 203 0.14 24.42 20.26
N TYR A 204 0.52 23.73 19.19
CA TYR A 204 -0.33 23.57 18.02
C TYR A 204 -0.83 22.15 17.88
N LYS A 205 -1.99 22.01 17.21
CA LYS A 205 -2.53 20.70 16.89
C LYS A 205 -2.96 20.66 15.42
N LEU A 206 -2.87 19.47 14.85
CA LEU A 206 -3.30 19.18 13.49
C LEU A 206 -4.20 17.95 13.52
N TYR A 207 -4.94 17.76 12.42
CA TYR A 207 -5.77 16.56 12.22
C TYR A 207 -5.25 15.85 10.97
N PRO A 208 -4.19 15.06 11.11
CA PRO A 208 -3.53 14.53 9.92
C PRO A 208 -4.24 13.33 9.30
N TRP A 209 -5.26 12.79 9.95
N TRP A 209 -5.26 12.77 9.93
CA TRP A 209 -5.93 11.57 9.52
CA TRP A 209 -5.89 11.57 9.39
C TRP A 209 -7.29 11.81 8.89
C TRP A 209 -7.34 11.80 9.01
N ILE A 210 -7.76 13.05 8.80
CA ILE A 210 -9.15 13.31 8.41
C ILE A 210 -9.45 12.91 6.98
N HIS A 211 -8.44 12.79 6.12
CA HIS A 211 -8.71 12.36 4.76
C HIS A 211 -8.80 10.83 4.63
N GLN A 212 -8.48 10.07 5.68
CA GLN A 212 -8.60 8.61 5.67
C GLN A 212 -10.01 8.21 6.09
N PHE A 213 -10.83 7.79 5.13
CA PHE A 213 -12.16 7.25 5.42
C PHE A 213 -12.17 5.72 5.49
N SER A 214 -11.17 5.05 4.95
CA SER A 214 -11.09 3.59 5.02
C SER A 214 -10.35 3.15 6.29
N ASN A 215 -10.65 1.92 6.72
CA ASN A 215 -9.81 1.21 7.70
C ASN A 215 -9.81 1.90 9.07
N ASN A 216 -10.94 2.47 9.47
CA ASN A 216 -11.09 3.11 10.77
C ASN A 216 -11.81 2.13 11.72
N ARG A 217 -11.17 1.82 12.84
CA ARG A 217 -11.83 1.01 13.87
C ARG A 217 -13.01 1.76 14.46
N ARG A 218 -12.77 3.00 14.87
CA ARG A 218 -13.78 3.86 15.49
C ARG A 218 -13.88 5.14 14.68
N SER A 219 -15.09 5.66 14.57
CA SER A 219 -15.29 6.91 13.84
C SER A 219 -14.46 8.05 14.43
N ALA A 220 -14.23 8.01 15.75
CA ALA A 220 -13.45 9.07 16.39
C ALA A 220 -11.99 9.06 15.94
N ASP A 221 -11.47 7.93 15.48
CA ASP A 221 -10.05 7.87 15.13
C ASP A 221 -9.69 8.80 13.98
N GLN A 222 -10.61 9.01 13.03
CA GLN A 222 -10.34 9.85 11.86
C GLN A 222 -10.12 11.32 12.24
N ILE A 223 -10.80 11.79 13.29
CA ILE A 223 -10.74 13.18 13.68
C ILE A 223 -9.86 13.39 14.90
N ARG A 224 -8.99 12.46 15.21
CA ARG A 224 -8.24 12.73 16.42
C ARG A 224 -7.07 13.67 16.14
N PRO A 225 -6.68 14.48 17.13
CA PRO A 225 -5.61 15.45 16.94
C PRO A 225 -4.23 14.90 17.28
N ILE A 226 -3.22 15.54 16.71
CA ILE A 226 -1.84 15.40 17.17
C ILE A 226 -1.34 16.79 17.53
N PHE A 227 -0.41 16.84 18.48
CA PHE A 227 0.12 18.11 18.94
C PHE A 227 1.60 18.21 18.62
N PHE A 228 2.06 19.43 18.34
CA PHE A 228 3.45 19.66 18.02
C PHE A 228 3.82 21.08 18.42
N PRO A 229 5.09 21.36 18.72
CA PRO A 229 6.19 20.39 18.72
C PRO A 229 6.39 19.73 20.08
N ASP A 230 6.76 18.45 20.10
CA ASP A 230 6.94 17.74 21.36
C ASP A 230 8.18 18.19 22.12
N VAL A 231 9.11 18.90 21.48
CA VAL A 231 10.24 19.53 22.14
C VAL A 231 10.33 20.96 21.65
N ASP A 232 11.07 21.77 22.38
CA ASP A 232 11.33 23.16 22.04
C ASP A 232 12.48 23.21 21.03
N PRO A 233 12.22 23.61 19.79
CA PRO A 233 13.33 23.65 18.80
C PRO A 233 14.38 24.70 19.14
N HIS A 234 14.05 25.73 19.93
CA HIS A 234 15.03 26.71 20.38
C HIS A 234 15.73 26.30 21.66
N SER A 235 15.91 25.00 21.88
CA SER A 235 16.68 24.50 23.01
C SER A 235 18.07 24.02 22.58
N LEU A 236 18.52 24.40 21.39
CA LEU A 236 19.86 24.03 20.93
C LEU A 236 20.92 24.59 21.88
N PRO A 237 22.00 23.85 22.12
CA PRO A 237 23.03 24.30 23.08
C PRO A 237 23.74 25.54 22.59
N PRO A 238 24.47 26.24 23.46
CA PRO A 238 25.27 27.38 23.01
C PRO A 238 26.44 26.90 22.17
N GLY A 239 26.76 27.66 21.13
CA GLY A 239 27.72 27.20 20.15
C GLY A 239 27.17 26.16 19.20
N SER A 240 25.84 26.10 19.04
CA SER A 240 25.25 25.18 18.10
C SER A 240 25.47 25.68 16.67
N ASN A 241 25.39 24.75 15.73
CA ASN A 241 25.56 25.07 14.31
C ASN A 241 24.53 24.25 13.53
N PHE A 242 23.35 24.83 13.35
CA PHE A 242 22.22 24.20 12.69
C PHE A 242 21.74 25.11 11.56
N SER A 243 21.51 24.53 10.39
CA SER A 243 21.05 25.32 9.26
C SER A 243 20.27 24.42 8.31
N MET A 244 19.51 25.06 7.42
CA MET A 244 18.69 24.38 6.43
C MET A 244 18.82 25.11 5.10
N THR A 245 19.04 24.36 4.03
CA THR A 245 19.13 24.94 2.69
C THR A 245 17.96 24.46 1.84
N ALA A 246 17.59 25.30 0.89
CA ALA A 246 16.52 25.00 -0.05
C ALA A 246 17.14 24.66 -1.40
N GLY A 247 16.72 23.57 -1.99
CA GLY A 247 17.17 23.26 -3.33
C GLY A 247 17.46 21.79 -3.56
N ASP A 248 17.59 21.45 -4.83
CA ASP A 248 18.03 20.13 -5.27
C ASP A 248 19.40 19.82 -4.69
N PHE A 249 19.46 18.83 -3.80
CA PHE A 249 20.69 18.26 -3.27
C PHE A 249 21.79 18.16 -4.33
N GLN A 250 21.42 17.72 -5.53
CA GLN A 250 22.43 17.45 -6.54
C GLN A 250 22.95 18.70 -7.23
N GLU A 251 22.23 19.81 -7.14
CA GLU A 251 22.69 21.07 -7.70
C GLU A 251 23.34 21.97 -6.67
N ILE A 252 22.86 21.95 -5.43
CA ILE A 252 23.30 22.92 -4.43
C ILE A 252 24.71 22.59 -3.93
N TYR A 253 25.09 21.31 -3.93
CA TYR A 253 26.32 20.84 -3.29
C TYR A 253 27.33 20.48 -4.37
N SER A 254 28.14 21.47 -4.74
CA SER A 254 29.15 21.29 -5.77
C SER A 254 30.58 21.29 -5.24
N GLU A 255 30.79 21.75 -4.01
CA GLU A 255 32.14 21.85 -3.46
C GLU A 255 32.60 20.46 -2.99
N CYS A 256 33.66 19.96 -3.60
CA CYS A 256 34.19 18.64 -3.28
C CYS A 256 34.85 18.64 -1.90
N ASN A 257 34.98 17.43 -1.34
CA ASN A 257 35.82 17.18 -0.17
C ASN A 257 35.44 18.09 0.99
N THR A 258 34.14 18.26 1.21
CA THR A 258 33.65 19.25 2.17
C THR A 258 33.11 18.63 3.45
N TRP A 259 32.42 17.50 3.35
CA TRP A 259 31.60 17.00 4.44
C TRP A 259 32.25 15.82 5.13
N ASP A 260 32.13 15.79 6.46
CA ASP A 260 32.58 14.63 7.23
C ASP A 260 31.60 13.48 7.15
N CYS A 261 30.32 13.80 7.00
CA CYS A 261 29.30 12.79 7.09
C CYS A 261 28.08 13.24 6.31
N ILE A 262 27.49 12.31 5.58
CA ILE A 262 26.22 12.52 4.93
C ILE A 262 25.27 11.44 5.40
N ALA A 263 24.09 11.85 5.88
CA ALA A 263 23.13 10.95 6.50
C ALA A 263 21.84 10.97 5.68
N THR A 264 21.57 9.88 4.95
CA THR A 264 20.39 9.81 4.11
C THR A 264 19.39 8.87 4.75
N CYS A 265 18.17 9.39 4.99
CA CYS A 265 17.12 8.63 5.66
C CYS A 265 15.88 8.69 4.78
N PHE A 266 15.47 7.53 4.25
CA PHE A 266 14.33 7.47 3.31
C PHE A 266 14.50 8.43 2.15
N PHE A 267 15.72 8.52 1.62
CA PHE A 267 16.04 9.56 0.65
C PHE A 267 16.52 9.07 -0.69
N ILE A 268 17.37 8.04 -0.73
CA ILE A 268 18.04 7.76 -2.00
C ILE A 268 17.08 7.21 -3.04
N ASP A 269 15.93 6.66 -2.62
CA ASP A 269 14.94 6.25 -3.61
C ASP A 269 14.17 7.43 -4.22
N THR A 270 14.49 8.67 -3.84
CA THR A 270 13.88 9.82 -4.52
C THR A 270 14.60 10.19 -5.81
N ALA A 271 15.71 9.53 -6.13
CA ALA A 271 16.50 9.91 -7.30
C ALA A 271 15.84 9.46 -8.60
N HIS A 272 15.90 10.32 -9.62
CA HIS A 272 15.71 9.84 -10.99
C HIS A 272 16.70 8.72 -11.29
N ASN A 273 17.94 8.89 -10.83
CA ASN A 273 19.02 7.94 -11.09
C ASN A 273 19.92 7.94 -9.84
N VAL A 274 19.77 6.90 -9.02
CA VAL A 274 20.46 6.83 -7.74
C VAL A 274 21.97 6.84 -7.94
N ILE A 275 22.45 6.45 -9.12
CA ILE A 275 23.89 6.51 -9.36
C ILE A 275 24.39 7.96 -9.28
N ASP A 276 23.58 8.92 -9.75
CA ASP A 276 23.96 10.32 -9.61
C ASP A 276 24.06 10.75 -8.16
N TYR A 277 23.15 10.27 -7.29
CA TYR A 277 23.24 10.57 -5.86
C TYR A 277 24.54 10.02 -5.29
N ILE A 278 24.86 8.77 -5.65
CA ILE A 278 26.10 8.16 -5.18
C ILE A 278 27.31 8.96 -5.63
N ASP A 279 27.28 9.47 -6.86
CA ASP A 279 28.38 10.27 -7.37
C ASP A 279 28.54 11.54 -6.55
N THR A 280 27.43 12.24 -6.30
CA THR A 280 27.49 13.47 -5.52
C THR A 280 28.03 13.22 -4.11
N ILE A 281 27.53 12.17 -3.46
CA ILE A 281 27.99 11.84 -2.11
C ILE A 281 29.50 11.58 -2.11
N TRP A 282 29.99 10.77 -3.06
CA TRP A 282 31.43 10.55 -3.18
C TRP A 282 32.18 11.87 -3.33
N LYS A 283 31.68 12.73 -4.22
CA LYS A 283 32.36 13.98 -4.56
C LYS A 283 32.52 14.89 -3.35
N ILE A 284 31.44 15.08 -2.60
CA ILE A 284 31.44 16.14 -1.59
C ILE A 284 31.90 15.64 -0.22
N LEU A 285 32.03 14.33 -0.02
CA LEU A 285 32.64 13.82 1.20
C LEU A 285 34.13 14.14 1.21
N LYS A 286 34.65 14.49 2.39
CA LYS A 286 36.09 14.53 2.60
C LYS A 286 36.65 13.12 2.50
N PRO A 287 37.89 12.96 2.05
CA PRO A 287 38.60 11.69 2.26
C PRO A 287 38.48 11.28 3.72
N GLY A 288 38.13 10.02 3.95
CA GLY A 288 37.83 9.54 5.29
C GLY A 288 36.42 9.79 5.79
N GLY A 289 35.62 10.61 5.10
CA GLY A 289 34.27 10.85 5.53
C GLY A 289 33.35 9.66 5.28
N ILE A 290 32.18 9.68 5.93
CA ILE A 290 31.28 8.54 5.88
C ILE A 290 29.91 8.94 5.38
N TRP A 291 29.25 7.98 4.75
CA TRP A 291 27.87 8.09 4.29
C TRP A 291 27.06 7.07 5.07
N ILE A 292 26.05 7.54 5.80
CA ILE A 292 25.12 6.68 6.54
C ILE A 292 23.79 6.70 5.83
N ASN A 293 23.27 5.52 5.49
CA ASN A 293 22.00 5.43 4.80
C ASN A 293 21.06 4.50 5.54
N LEU A 294 19.80 4.93 5.67
CA LEU A 294 18.77 4.05 6.19
C LEU A 294 17.50 4.28 5.38
N GLY A 295 16.96 3.20 4.82
CA GLY A 295 15.65 3.29 4.23
C GLY A 295 15.32 2.17 3.26
N PRO A 296 14.12 2.24 2.68
CA PRO A 296 13.73 1.25 1.68
C PRO A 296 14.17 1.68 0.29
N LEU A 297 13.51 1.14 -0.74
CA LEU A 297 13.83 1.45 -2.13
C LEU A 297 12.52 1.59 -2.91
N LEU A 298 11.68 2.52 -2.45
CA LEU A 298 10.43 2.86 -3.12
C LEU A 298 10.72 4.00 -4.08
N TYR A 299 10.97 3.68 -5.35
CA TYR A 299 11.49 4.67 -6.28
C TYR A 299 10.39 5.66 -6.66
N HIS A 300 10.65 6.94 -6.36
CA HIS A 300 9.61 7.96 -6.41
C HIS A 300 9.03 8.13 -7.82
N PHE A 301 9.86 8.02 -8.85
CA PHE A 301 9.43 8.30 -10.22
C PHE A 301 9.05 7.04 -11.00
N GLU A 302 8.98 5.88 -10.33
CA GLU A 302 8.75 4.63 -11.05
C GLU A 302 7.48 4.70 -11.89
N ASN A 303 6.39 5.20 -11.33
CA ASN A 303 5.08 5.18 -11.98
C ASN A 303 4.65 6.57 -12.43
N LEU A 304 5.60 7.46 -12.67
CA LEU A 304 5.31 8.79 -13.17
C LEU A 304 5.63 8.85 -14.66
N ALA A 305 4.66 9.28 -15.45
CA ALA A 305 4.79 9.26 -16.90
C ALA A 305 5.86 10.25 -17.35
N ASN A 306 6.70 9.81 -18.27
CA ASN A 306 7.74 10.64 -18.88
C ASN A 306 8.73 11.16 -17.84
N GLU A 307 9.09 10.32 -16.87
CA GLU A 307 10.13 10.64 -15.91
C GLU A 307 11.19 9.56 -15.91
N LEU A 308 12.45 9.98 -15.92
CA LEU A 308 13.54 9.03 -15.76
C LEU A 308 13.46 8.34 -14.40
N SER A 309 13.61 7.02 -14.39
CA SER A 309 13.64 6.28 -13.13
C SER A 309 14.47 5.02 -13.32
N ILE A 310 15.65 4.99 -12.73
CA ILE A 310 16.53 3.84 -12.76
C ILE A 310 16.30 3.09 -11.44
N GLU A 311 15.57 1.98 -11.50
CA GLU A 311 15.21 1.24 -10.29
C GLU A 311 16.21 0.11 -10.08
N LEU A 312 17.09 0.25 -9.09
CA LEU A 312 18.06 -0.78 -8.80
C LEU A 312 17.62 -1.58 -7.58
N SER A 313 17.93 -2.87 -7.60
CA SER A 313 17.91 -3.67 -6.40
C SER A 313 18.97 -3.16 -5.42
N TYR A 314 18.80 -3.53 -4.14
CA TYR A 314 19.82 -3.17 -3.16
C TYR A 314 21.17 -3.79 -3.51
N GLU A 315 21.15 -5.05 -3.95
CA GLU A 315 22.37 -5.71 -4.44
C GLU A 315 23.10 -4.87 -5.49
N ASP A 316 22.35 -4.26 -6.43
CA ASP A 316 23.00 -3.46 -7.45
C ASP A 316 23.51 -2.14 -6.89
N ILE A 317 22.78 -1.53 -5.95
CA ILE A 317 23.28 -0.32 -5.31
C ILE A 317 24.59 -0.60 -4.60
N LYS A 318 24.65 -1.71 -3.85
CA LYS A 318 25.87 -2.10 -3.17
C LYS A 318 27.02 -2.31 -4.17
N ASN A 319 26.73 -2.90 -5.34
CA ASN A 319 27.80 -3.12 -6.31
C ASN A 319 28.31 -1.80 -6.90
N VAL A 320 27.44 -0.81 -7.08
CA VAL A 320 27.89 0.50 -7.53
C VAL A 320 28.75 1.16 -6.46
N VAL A 321 28.29 1.08 -5.20
CA VAL A 321 29.03 1.65 -4.08
C VAL A 321 30.42 1.03 -3.98
N LEU A 322 30.51 -0.30 -4.09
CA LEU A 322 31.81 -0.96 -4.07
C LEU A 322 32.69 -0.49 -5.23
N GLN A 323 32.12 -0.38 -6.43
CA GLN A 323 32.96 0.03 -7.56
C GLN A 323 33.40 1.48 -7.46
N TYR A 324 32.68 2.32 -6.72
CA TYR A 324 33.13 3.69 -6.53
C TYR A 324 34.37 3.76 -5.66
N GLY A 325 34.63 2.72 -4.86
CA GLY A 325 35.74 2.71 -3.93
C GLY A 325 35.35 2.89 -2.47
N PHE A 326 34.06 3.07 -2.15
CA PHE A 326 33.66 3.11 -0.75
C PHE A 326 34.04 1.81 -0.05
N LYS A 327 34.37 1.92 1.23
CA LYS A 327 34.60 0.75 2.08
C LYS A 327 33.38 0.54 2.99
N VAL A 328 32.86 -0.68 2.99
CA VAL A 328 31.66 -0.97 3.78
C VAL A 328 32.08 -1.26 5.22
N GLU A 329 31.60 -0.43 6.14
CA GLU A 329 31.88 -0.63 7.55
C GLU A 329 30.72 -1.23 8.32
N VAL A 330 29.48 -0.89 7.97
CA VAL A 330 28.29 -1.45 8.60
C VAL A 330 27.27 -1.80 7.52
N GLU A 331 26.60 -2.93 7.68
CA GLU A 331 25.49 -3.29 6.78
C GLU A 331 24.51 -4.14 7.56
N LYS A 332 23.31 -3.63 7.77
CA LYS A 332 22.21 -4.37 8.38
C LYS A 332 21.01 -4.29 7.44
N GLU A 333 20.47 -5.43 7.07
CA GLU A 333 19.20 -5.44 6.34
C GLU A 333 18.06 -5.67 7.33
N SER A 334 16.83 -5.46 6.85
CA SER A 334 15.65 -5.71 7.67
C SER A 334 15.67 -4.88 8.94
N VAL A 335 15.96 -3.58 8.82
CA VAL A 335 15.65 -2.65 9.90
C VAL A 335 14.19 -2.26 9.73
N LEU A 336 13.35 -2.68 10.68
CA LEU A 336 11.91 -2.55 10.51
C LEU A 336 11.44 -1.16 10.92
N SER A 337 10.64 -0.54 10.06
CA SER A 337 10.10 0.78 10.38
C SER A 337 8.83 1.04 9.59
N THR A 338 8.08 2.02 10.07
CA THR A 338 6.92 2.58 9.41
C THR A 338 7.25 4.01 9.00
N TYR A 339 6.36 4.62 8.23
CA TYR A 339 6.58 6.00 7.79
C TYR A 339 5.26 6.73 7.84
N THR A 340 5.17 7.74 8.71
CA THR A 340 3.94 8.46 9.01
C THR A 340 2.76 7.50 9.20
N VAL A 341 3.00 6.44 9.97
CA VAL A 341 1.95 5.45 10.22
C VAL A 341 0.82 6.06 11.05
N ASN A 342 -0.41 5.64 10.76
CA ASN A 342 -1.58 5.85 11.61
C ASN A 342 -1.70 4.61 12.49
N ASP A 343 -1.28 4.74 13.75
CA ASP A 343 -1.20 3.58 14.65
C ASP A 343 -2.56 2.92 14.89
N LEU A 344 -3.67 3.63 14.71
CA LEU A 344 -4.97 3.06 14.93
C LEU A 344 -5.57 2.48 13.65
N SER A 345 -4.89 2.62 12.52
CA SER A 345 -5.44 2.17 11.25
C SER A 345 -5.49 0.64 11.17
N MET A 346 -6.52 0.14 10.50
CA MET A 346 -6.63 -1.29 10.22
C MET A 346 -5.71 -1.74 9.09
N MET A 347 -5.02 -0.81 8.43
CA MET A 347 -4.05 -1.14 7.38
C MET A 347 -2.81 -0.29 7.60
N LYS A 348 -1.63 -0.93 7.61
CA LYS A 348 -0.38 -0.23 7.84
C LYS A 348 0.69 -0.70 6.87
N TYR A 349 1.60 0.22 6.51
CA TYR A 349 2.75 -0.12 5.69
C TYR A 349 3.97 -0.27 6.58
N TYR A 350 4.73 -1.35 6.37
CA TYR A 350 6.00 -1.56 7.05
C TYR A 350 7.11 -1.64 6.02
N TYR A 351 8.28 -1.14 6.40
CA TYR A 351 9.46 -1.14 5.54
C TYR A 351 10.53 -1.97 6.22
N GLU A 352 11.15 -2.85 5.46
CA GLU A 352 12.32 -3.57 5.94
C GLU A 352 13.51 -2.84 5.34
N CYS A 353 13.98 -1.83 6.07
CA CYS A 353 15.00 -0.94 5.56
C CYS A 353 16.36 -1.61 5.60
N VAL A 354 17.25 -1.13 4.74
CA VAL A 354 18.66 -1.44 4.87
C VAL A 354 19.33 -0.27 5.58
N LEU A 355 20.23 -0.58 6.50
CA LEU A 355 21.12 0.40 7.11
C LEU A 355 22.54 0.07 6.69
N PHE A 356 23.26 1.06 6.14
CA PHE A 356 24.69 0.85 5.93
C PHE A 356 25.46 2.13 6.23
N VAL A 357 26.74 1.91 6.55
CA VAL A 357 27.73 2.97 6.71
C VAL A 357 28.91 2.64 5.82
N VAL A 358 29.24 3.53 4.89
CA VAL A 358 30.37 3.33 4.00
C VAL A 358 31.32 4.52 4.15
N ARG A 359 32.60 4.28 3.90
CA ARG A 359 33.63 5.27 4.11
C ARG A 359 34.36 5.55 2.80
N LYS A 360 34.49 6.83 2.47
CA LYS A 360 35.36 7.25 1.38
C LYS A 360 36.80 7.16 1.86
N PRO A 361 37.65 6.34 1.25
CA PRO A 361 38.98 6.08 1.82
C PRO A 361 39.80 7.36 1.92
N GLN A 362 40.62 7.44 2.97
CA GLN A 362 41.48 8.59 3.18
C GLN A 362 42.57 8.62 2.13
N GLU B 12 -28.28 -8.47 -22.10
CA GLU B 12 -27.01 -9.09 -21.75
C GLU B 12 -26.01 -9.02 -22.89
N ARG B 13 -26.25 -8.11 -23.83
CA ARG B 13 -25.25 -7.82 -24.85
C ARG B 13 -24.04 -7.12 -24.24
N LEU B 14 -24.24 -6.37 -23.14
CA LEU B 14 -23.13 -5.71 -22.49
C LEU B 14 -22.29 -6.69 -21.67
N GLU B 15 -22.89 -7.78 -21.19
CA GLU B 15 -22.11 -8.81 -20.52
C GLU B 15 -21.22 -9.54 -21.52
N ARG B 16 -21.75 -9.79 -22.72
CA ARG B 16 -20.92 -10.29 -23.81
C ARG B 16 -19.77 -9.34 -24.11
N GLU B 17 -20.08 -8.04 -24.21
CA GLU B 17 -19.05 -7.04 -24.43
C GLU B 17 -17.99 -7.10 -23.33
N HIS B 18 -18.43 -7.32 -22.10
CA HIS B 18 -17.53 -7.36 -20.96
C HIS B 18 -16.70 -8.64 -20.97
N PHE B 19 -17.31 -9.76 -21.40
CA PHE B 19 -16.59 -11.02 -21.55
C PHE B 19 -15.41 -10.88 -22.50
N TRP B 20 -15.65 -10.40 -23.73
CA TRP B 20 -14.55 -10.32 -24.67
C TRP B 20 -13.58 -9.20 -24.31
N LYS B 21 -14.04 -8.18 -23.61
CA LYS B 21 -13.09 -7.20 -23.07
C LYS B 21 -12.09 -7.89 -22.14
N ILE B 22 -12.55 -8.80 -21.29
CA ILE B 22 -11.64 -9.43 -20.35
C ILE B 22 -10.73 -10.44 -21.06
N ILE B 23 -11.30 -11.25 -21.97
CA ILE B 23 -10.48 -12.11 -22.82
C ILE B 23 -9.36 -11.30 -23.46
N ASN B 24 -9.70 -10.14 -24.01
CA ASN B 24 -8.70 -9.33 -24.71
C ASN B 24 -7.63 -8.81 -23.76
N ALA B 25 -8.00 -8.50 -22.51
CA ALA B 25 -7.00 -8.07 -21.55
C ALA B 25 -6.01 -9.19 -21.24
N PHE B 26 -6.51 -10.42 -21.04
CA PHE B 26 -5.62 -11.57 -20.85
C PHE B 26 -4.63 -11.69 -22.00
N ARG B 27 -5.09 -11.45 -23.22
CA ARG B 27 -4.23 -11.61 -24.40
C ARG B 27 -3.23 -10.48 -24.53
N TYR B 28 -3.43 -9.38 -23.83
CA TYR B 28 -2.64 -8.17 -24.00
C TYR B 28 -1.53 -8.06 -22.96
N TYR B 29 -1.48 -8.98 -22.00
CA TYR B 29 -0.55 -8.89 -20.89
C TYR B 29 0.89 -8.76 -21.37
N GLY B 30 1.31 -9.63 -22.29
CA GLY B 30 2.70 -9.63 -22.72
C GLY B 30 3.09 -8.33 -23.43
N THR B 31 2.19 -7.82 -24.27
CA THR B 31 2.43 -6.55 -24.95
C THR B 31 2.67 -5.45 -23.92
N SER B 32 1.81 -5.40 -22.91
CA SER B 32 1.86 -4.37 -21.89
C SER B 32 3.15 -4.46 -21.08
N MET B 33 3.46 -5.64 -20.54
CA MET B 33 4.65 -5.79 -19.73
C MET B 33 5.93 -5.62 -20.54
N HIS B 34 5.94 -6.10 -21.80
CA HIS B 34 7.13 -5.92 -22.63
C HIS B 34 7.39 -4.44 -22.89
N GLU B 35 6.33 -3.64 -23.01
CA GLU B 35 6.51 -2.19 -23.12
C GLU B 35 7.16 -1.63 -21.87
N ARG B 36 6.72 -2.08 -20.69
CA ARG B 36 7.30 -1.60 -19.44
C ARG B 36 8.79 -1.92 -19.37
N VAL B 37 9.18 -3.13 -19.75
CA VAL B 37 10.60 -3.49 -19.74
C VAL B 37 11.37 -2.74 -20.82
N ASN B 38 10.74 -2.44 -21.95
CA ASN B 38 11.44 -1.72 -23.00
C ASN B 38 11.70 -0.27 -22.60
N ARG B 39 10.78 0.32 -21.81
CA ARG B 39 11.02 1.64 -21.24
C ARG B 39 12.24 1.62 -20.33
N THR B 40 12.37 0.58 -19.50
CA THR B 40 13.52 0.47 -18.62
C THR B 40 14.81 0.34 -19.42
N GLU B 41 14.80 -0.47 -20.47
CA GLU B 41 16.01 -0.63 -21.27
C GLU B 41 16.38 0.68 -21.96
N ARG B 42 15.39 1.35 -22.52
CA ARG B 42 15.58 2.64 -23.18
C ARG B 42 16.22 3.64 -22.23
N GLN B 43 15.68 3.74 -21.01
CA GLN B 43 16.21 4.69 -20.04
C GLN B 43 17.64 4.34 -19.64
N PHE B 44 17.90 3.06 -19.40
CA PHE B 44 19.25 2.63 -19.05
C PHE B 44 20.23 2.91 -20.19
N ARG B 45 19.83 2.66 -21.44
CA ARG B 45 20.71 2.88 -22.59
C ARG B 45 20.99 4.36 -22.83
N SER B 46 20.19 5.24 -22.25
CA SER B 46 20.44 6.67 -22.36
C SER B 46 21.34 7.20 -21.25
N LEU B 47 21.73 6.36 -20.29
CA LEU B 47 22.69 6.79 -19.28
C LEU B 47 24.07 6.89 -19.90
N PRO B 48 24.98 7.65 -19.29
CA PRO B 48 26.37 7.68 -19.78
C PRO B 48 26.94 6.26 -19.81
N ALA B 49 27.79 6.01 -20.81
CA ALA B 49 28.33 4.67 -21.00
C ALA B 49 29.02 4.17 -19.74
N ASN B 50 29.79 5.04 -19.06
CA ASN B 50 30.53 4.59 -17.89
C ASN B 50 29.59 4.12 -16.78
N GLN B 51 28.42 4.75 -16.63
CA GLN B 51 27.47 4.26 -15.64
C GLN B 51 26.86 2.93 -16.06
N GLN B 52 26.62 2.74 -17.35
CA GLN B 52 26.13 1.45 -17.82
C GLN B 52 27.12 0.34 -17.51
N LYS B 53 28.43 0.62 -17.65
CA LYS B 53 29.45 -0.38 -17.36
C LYS B 53 29.54 -0.75 -15.88
N LEU B 54 28.99 0.08 -14.98
CA LEU B 54 28.92 -0.31 -13.58
C LEU B 54 27.97 -1.47 -13.36
N LEU B 55 27.08 -1.75 -14.30
CA LEU B 55 26.02 -2.75 -14.12
C LEU B 55 26.04 -3.70 -15.31
N PRO B 56 27.05 -4.56 -15.40
CA PRO B 56 27.21 -5.38 -16.61
C PRO B 56 26.22 -6.53 -16.73
N GLN B 57 25.40 -6.81 -15.72
CA GLN B 57 24.36 -7.83 -15.83
C GLN B 57 22.95 -7.23 -15.99
N PHE B 58 22.84 -5.90 -16.05
CA PHE B 58 21.53 -5.25 -16.07
C PHE B 58 20.71 -5.66 -17.29
N LEU B 59 21.32 -5.63 -18.48
CA LEU B 59 20.57 -5.99 -19.69
C LEU B 59 20.24 -7.47 -19.73
N LEU B 60 21.12 -8.32 -19.20
CA LEU B 60 20.82 -9.75 -19.15
C LEU B 60 19.64 -10.00 -18.22
N HIS B 61 19.56 -9.25 -17.12
CA HIS B 61 18.45 -9.42 -16.19
C HIS B 61 17.12 -8.98 -16.81
N LEU B 62 17.14 -7.93 -17.63
CA LEU B 62 15.94 -7.58 -18.38
C LEU B 62 15.51 -8.72 -19.29
N ASP B 63 16.47 -9.41 -19.91
CA ASP B 63 16.12 -10.57 -20.72
C ASP B 63 15.44 -11.66 -19.90
N LYS B 64 15.92 -11.90 -18.66
CA LYS B 64 15.25 -12.88 -17.81
C LYS B 64 13.83 -12.44 -17.48
N ILE B 65 13.64 -11.15 -17.23
CA ILE B 65 12.30 -10.64 -16.97
C ILE B 65 11.41 -10.89 -18.18
N ARG B 66 11.93 -10.66 -19.39
CA ARG B 66 11.14 -10.88 -20.60
C ARG B 66 10.73 -12.34 -20.73
N LYS B 67 11.61 -13.28 -20.38
CA LYS B 67 11.21 -14.68 -20.42
C LYS B 67 10.11 -14.97 -19.40
N CYS B 68 10.18 -14.34 -18.22
CA CYS B 68 9.13 -14.53 -17.22
C CYS B 68 7.80 -13.97 -17.71
N ILE B 69 7.85 -12.85 -18.44
CA ILE B 69 6.66 -12.27 -19.03
C ILE B 69 6.04 -13.24 -20.02
N ASP B 70 6.85 -13.76 -20.95
CA ASP B 70 6.35 -14.73 -21.92
C ASP B 70 5.73 -15.92 -21.20
N HIS B 71 6.39 -16.43 -20.17
CA HIS B 71 5.80 -17.55 -19.45
C HIS B 71 4.44 -17.17 -18.84
N ASN B 72 4.36 -16.02 -18.17
CA ASN B 72 3.08 -15.58 -17.62
C ASN B 72 2.03 -15.48 -18.71
N GLN B 73 2.42 -14.95 -19.88
CA GLN B 73 1.47 -14.81 -20.97
C GLN B 73 0.97 -16.17 -21.41
N GLU B 74 1.85 -17.18 -21.37
CA GLU B 74 1.49 -18.54 -21.72
C GLU B 74 0.46 -19.11 -20.75
N ILE B 75 0.61 -18.84 -19.45
CA ILE B 75 -0.40 -19.24 -18.47
C ILE B 75 -1.73 -18.54 -18.75
N LEU B 76 -1.69 -17.25 -19.08
CA LEU B 76 -2.93 -16.52 -19.31
C LEU B 76 -3.64 -16.98 -20.59
N LEU B 77 -2.88 -17.35 -21.62
CA LEU B 77 -3.48 -17.88 -22.84
C LEU B 77 -4.05 -19.28 -22.61
N THR B 78 -3.47 -20.02 -21.67
CA THR B 78 -4.04 -21.30 -21.32
C THR B 78 -5.39 -21.11 -20.64
N ILE B 79 -5.49 -20.11 -19.75
CA ILE B 79 -6.78 -19.81 -19.12
C ILE B 79 -7.78 -19.36 -20.17
N VAL B 80 -7.35 -18.48 -21.09
CA VAL B 80 -8.23 -18.01 -22.16
C VAL B 80 -8.74 -19.19 -22.98
N ASN B 81 -7.83 -20.08 -23.38
CA ASN B 81 -8.21 -21.24 -24.18
C ASN B 81 -9.22 -22.09 -23.42
N ASP B 82 -9.03 -22.20 -22.10
CA ASP B 82 -9.94 -22.99 -21.29
C ASP B 82 -11.34 -22.38 -21.26
N CYS B 83 -11.45 -21.07 -21.07
CA CYS B 83 -12.80 -20.54 -20.85
C CYS B 83 -13.53 -20.26 -22.16
N ILE B 84 -12.82 -19.96 -23.25
CA ILE B 84 -13.45 -19.81 -24.55
C ILE B 84 -14.17 -21.08 -25.00
N HIS B 85 -13.63 -22.25 -24.66
CA HIS B 85 -14.20 -23.52 -25.08
C HIS B 85 -15.11 -24.14 -24.02
N MET B 86 -15.64 -23.33 -23.10
CA MET B 86 -16.58 -23.80 -22.09
C MET B 86 -18.02 -23.63 -22.57
N PHE B 87 -18.84 -24.65 -22.29
CA PHE B 87 -20.22 -24.68 -22.82
C PHE B 87 -21.02 -23.47 -22.35
N GLU B 88 -20.89 -23.10 -21.07
CA GLU B 88 -21.66 -21.99 -20.53
C GLU B 88 -21.33 -20.65 -21.20
N ASN B 89 -20.21 -20.58 -21.91
CA ASN B 89 -19.74 -19.37 -22.56
C ASN B 89 -20.08 -19.32 -24.05
N LYS B 90 -20.84 -20.31 -24.55
CA LYS B 90 -21.28 -20.28 -25.94
C LYS B 90 -22.23 -19.11 -26.19
N GLU B 91 -23.04 -18.74 -25.20
CA GLU B 91 -23.95 -17.62 -25.32
C GLU B 91 -23.24 -16.29 -25.55
N TYR B 92 -21.91 -16.25 -25.44
CA TYR B 92 -21.14 -15.02 -25.58
C TYR B 92 -20.67 -14.77 -27.00
N GLY B 93 -20.70 -15.77 -27.87
CA GLY B 93 -20.59 -15.53 -29.29
C GLY B 93 -19.25 -15.94 -29.88
N GLU B 94 -19.09 -15.60 -31.17
CA GLU B 94 -17.96 -15.96 -32.00
C GLU B 94 -16.64 -15.47 -31.41
N ASP B 95 -16.39 -14.16 -31.55
CA ASP B 95 -15.24 -13.55 -30.89
C ASP B 95 -15.53 -12.12 -30.45
N GLY B 96 -16.81 -11.78 -30.24
CA GLY B 96 -17.19 -10.42 -29.91
C GLY B 96 -17.16 -9.52 -31.13
N ASN B 97 -16.53 -8.35 -30.99
CA ASN B 97 -16.34 -7.47 -32.12
C ASN B 97 -15.25 -8.03 -33.04
N GLY B 98 -15.09 -7.40 -34.20
CA GLY B 98 -13.91 -7.63 -35.01
C GLY B 98 -12.75 -6.80 -34.48
N LYS B 99 -12.77 -6.56 -33.17
CA LYS B 99 -11.84 -5.65 -32.53
C LYS B 99 -10.58 -6.40 -32.11
N ILE B 100 -9.44 -5.95 -32.59
CA ILE B 100 -8.16 -6.19 -31.95
C ILE B 100 -7.83 -4.86 -31.28
N MET B 101 -8.13 -4.76 -29.99
CA MET B 101 -8.07 -3.50 -29.30
C MET B 101 -7.07 -3.58 -28.15
N PRO B 102 -6.40 -2.49 -27.83
CA PRO B 102 -5.53 -2.49 -26.63
C PRO B 102 -6.38 -2.44 -25.37
N ALA B 103 -5.87 -3.09 -24.34
CA ALA B 103 -6.61 -3.13 -23.09
C ALA B 103 -6.21 -1.95 -22.21
N SER B 104 -7.10 -1.60 -21.29
CA SER B 104 -6.85 -0.47 -20.41
C SER B 104 -5.79 -0.81 -19.38
N THR B 105 -5.16 0.22 -18.83
CA THR B 105 -4.24 -0.01 -17.72
C THR B 105 -4.96 -0.52 -16.49
N PHE B 106 -6.22 -0.08 -16.30
CA PHE B 106 -7.02 -0.57 -15.18
C PHE B 106 -7.18 -2.08 -15.23
N ASP B 107 -7.40 -2.64 -16.43
CA ASP B 107 -7.50 -4.08 -16.57
C ASP B 107 -6.14 -4.76 -16.44
N MET B 108 -5.06 -4.12 -16.91
CA MET B 108 -3.73 -4.68 -16.71
C MET B 108 -3.41 -4.76 -15.22
N ASP B 109 -3.86 -3.79 -14.43
CA ASP B 109 -3.65 -3.86 -12.99
C ASP B 109 -4.44 -5.01 -12.38
N LYS B 110 -5.65 -5.27 -12.87
CA LYS B 110 -6.40 -6.41 -12.36
C LYS B 110 -5.71 -7.72 -12.72
N LEU B 111 -5.13 -7.80 -13.92
CA LEU B 111 -4.38 -8.99 -14.30
C LEU B 111 -3.23 -9.26 -13.34
N LYS B 112 -2.46 -8.21 -13.01
CA LYS B 112 -1.35 -8.39 -12.08
C LYS B 112 -1.83 -8.90 -10.72
N SER B 113 -2.95 -8.36 -10.24
CA SER B 113 -3.49 -8.82 -8.97
C SER B 113 -3.95 -10.26 -9.07
N THR B 114 -4.50 -10.64 -10.22
CA THR B 114 -4.98 -11.99 -10.41
C THR B 114 -3.84 -12.99 -10.35
N LEU B 115 -2.70 -12.65 -10.97
CA LEU B 115 -1.53 -13.51 -10.87
C LEU B 115 -1.06 -13.66 -9.43
N LYS B 116 -1.06 -12.55 -8.67
CA LYS B 116 -0.69 -12.66 -7.26
C LYS B 116 -1.68 -13.53 -6.50
N GLN B 117 -2.96 -13.52 -6.89
CA GLN B 117 -3.96 -14.31 -6.17
C GLN B 117 -3.63 -15.80 -6.23
N PHE B 118 -2.92 -16.23 -7.28
CA PHE B 118 -2.51 -17.64 -7.34
C PHE B 118 -1.61 -17.99 -6.17
N VAL B 119 -0.76 -17.04 -5.75
CA VAL B 119 0.12 -17.30 -4.62
C VAL B 119 -0.70 -17.55 -3.35
N ARG B 120 -1.61 -16.61 -3.05
CA ARG B 120 -2.44 -16.69 -1.85
C ARG B 120 -3.24 -17.99 -1.80
N ASP B 121 -3.90 -18.34 -2.91
CA ASP B 121 -4.90 -19.40 -2.86
C ASP B 121 -4.39 -20.78 -3.25
N TRP B 122 -3.36 -20.89 -4.09
CA TRP B 122 -3.06 -22.22 -4.62
C TRP B 122 -1.58 -22.57 -4.61
N SER B 123 -0.74 -21.82 -3.88
CA SER B 123 0.68 -22.09 -3.81
C SER B 123 1.06 -22.34 -2.36
N GLU B 124 2.01 -23.26 -2.15
CA GLU B 124 2.64 -23.43 -0.83
C GLU B 124 3.14 -22.10 -0.29
N THR B 125 3.64 -21.23 -1.18
CA THR B 125 4.13 -19.91 -0.79
C THR B 125 3.08 -19.10 -0.03
N GLY B 126 1.80 -19.32 -0.32
CA GLY B 126 0.76 -18.58 0.38
C GLY B 126 0.23 -19.24 1.64
N LYS B 127 0.85 -20.33 2.09
CA LYS B 127 0.25 -21.08 3.19
C LYS B 127 0.13 -20.24 4.46
N ALA B 128 1.16 -19.45 4.80
CA ALA B 128 1.12 -18.65 6.01
C ALA B 128 -0.05 -17.67 5.99
N GLU B 129 -0.31 -17.06 4.84
CA GLU B 129 -1.44 -16.14 4.72
C GLU B 129 -2.76 -16.86 4.93
N ARG B 130 -2.94 -18.01 4.26
CA ARG B 130 -4.16 -18.79 4.44
C ARG B 130 -4.34 -19.23 5.89
N ASP B 131 -3.25 -19.61 6.54
CA ASP B 131 -3.38 -20.00 7.94
C ASP B 131 -3.89 -18.83 8.78
N ALA B 132 -3.49 -17.61 8.44
CA ALA B 132 -3.91 -16.48 9.27
C ALA B 132 -5.34 -16.07 8.98
N CYS B 133 -5.81 -16.19 7.73
CA CYS B 133 -7.12 -15.72 7.35
C CYS B 133 -8.17 -16.82 7.28
N TYR B 134 -7.82 -17.96 6.71
CA TYR B 134 -8.82 -19.01 6.46
C TYR B 134 -9.03 -19.89 7.67
N GLN B 135 -7.97 -20.25 8.38
CA GLN B 135 -8.13 -21.14 9.52
C GLN B 135 -9.05 -20.58 10.60
N PRO B 136 -9.00 -19.29 10.97
CA PRO B 136 -9.97 -18.80 11.98
C PRO B 136 -11.40 -18.90 11.51
N ILE B 137 -11.63 -18.77 10.20
CA ILE B 137 -12.98 -18.93 9.68
C ILE B 137 -13.40 -20.40 9.76
N ILE B 138 -12.53 -21.28 9.28
CA ILE B 138 -12.85 -22.71 9.29
C ILE B 138 -13.09 -23.19 10.73
N LYS B 139 -12.29 -22.70 11.68
CA LYS B 139 -12.50 -23.12 13.08
C LYS B 139 -13.87 -22.69 13.60
N GLU B 140 -14.30 -21.47 13.26
CA GLU B 140 -15.64 -21.05 13.68
C GLU B 140 -16.72 -21.92 13.04
N ILE B 141 -16.51 -22.37 11.80
CA ILE B 141 -17.47 -23.27 11.17
C ILE B 141 -17.54 -24.59 11.93
N LEU B 142 -16.37 -25.17 12.24
CA LEU B 142 -16.33 -26.43 13.00
C LEU B 142 -16.95 -26.26 14.37
N LYS B 143 -16.74 -25.11 15.02
CA LYS B 143 -17.36 -24.84 16.31
C LYS B 143 -18.88 -24.85 16.22
N ASN B 144 -19.44 -24.24 15.18
CA ASN B 144 -20.89 -24.04 15.14
C ASN B 144 -21.63 -25.18 14.47
N PHE B 145 -20.94 -25.97 13.65
CA PHE B 145 -21.54 -27.13 12.99
C PHE B 145 -20.70 -28.37 13.25
N PRO B 146 -20.50 -28.74 14.51
CA PRO B 146 -19.61 -29.88 14.81
C PRO B 146 -20.17 -31.19 14.28
N LYS B 147 -19.24 -32.06 13.89
CA LYS B 147 -19.56 -33.35 13.28
C LYS B 147 -20.36 -34.27 14.22
N GLU B 148 -20.24 -34.10 15.53
CA GLU B 148 -21.02 -34.94 16.44
C GLU B 148 -22.52 -34.72 16.25
N ARG B 149 -22.93 -33.51 15.87
CA ARG B 149 -24.34 -33.15 15.87
C ARG B 149 -24.89 -32.75 14.51
N TRP B 150 -24.02 -32.50 13.51
CA TRP B 150 -24.46 -32.05 12.21
C TRP B 150 -23.88 -32.95 11.15
N ASP B 151 -24.73 -33.40 10.25
CA ASP B 151 -24.34 -33.98 8.98
C ASP B 151 -23.80 -32.85 8.12
N PRO B 152 -22.48 -32.70 7.97
CA PRO B 152 -21.96 -31.54 7.25
C PRO B 152 -22.54 -31.40 5.84
N SER B 153 -22.95 -32.51 5.23
CA SER B 153 -23.50 -32.47 3.87
C SER B 153 -24.87 -31.78 3.82
N LYS B 154 -25.53 -31.57 4.96
CA LYS B 154 -26.78 -30.81 4.99
C LYS B 154 -26.60 -29.36 5.45
N VAL B 155 -25.37 -28.93 5.70
CA VAL B 155 -25.07 -27.56 6.11
C VAL B 155 -24.66 -26.78 4.88
N ASN B 156 -25.46 -25.78 4.50
CA ASN B 156 -25.21 -24.98 3.30
C ASN B 156 -24.39 -23.74 3.64
N ILE B 157 -23.21 -23.63 3.05
CA ILE B 157 -22.28 -22.54 3.36
C ILE B 157 -21.93 -21.79 2.08
N LEU B 158 -22.13 -20.47 2.12
CA LEU B 158 -21.90 -19.60 0.98
C LEU B 158 -20.68 -18.73 1.27
N VAL B 159 -19.76 -18.67 0.30
CA VAL B 159 -18.54 -17.86 0.40
C VAL B 159 -18.57 -16.81 -0.70
N PRO B 160 -19.07 -15.60 -0.43
CA PRO B 160 -19.08 -14.55 -1.46
C PRO B 160 -17.68 -13.98 -1.67
N GLY B 161 -17.44 -13.53 -2.89
CA GLY B 161 -16.13 -12.98 -3.24
C GLY B 161 -15.02 -14.00 -2.99
N ALA B 162 -15.24 -15.23 -3.47
CA ALA B 162 -14.37 -16.35 -3.15
C ALA B 162 -13.02 -16.30 -3.85
N GLY B 163 -12.83 -15.38 -4.80
CA GLY B 163 -11.54 -15.22 -5.47
C GLY B 163 -11.18 -16.42 -6.32
N LEU B 164 -10.05 -17.06 -6.02
CA LEU B 164 -9.72 -18.29 -6.72
C LEU B 164 -10.26 -19.53 -6.03
N GLY B 165 -10.96 -19.37 -4.90
CA GLY B 165 -11.82 -20.41 -4.40
C GLY B 165 -11.25 -21.31 -3.32
N ARG B 166 -10.01 -21.04 -2.85
CA ARG B 166 -9.37 -21.96 -1.90
C ARG B 166 -10.16 -22.08 -0.59
N LEU B 167 -10.67 -20.97 -0.07
CA LEU B 167 -11.42 -21.03 1.18
C LEU B 167 -12.68 -21.88 1.04
N ALA B 168 -13.44 -21.65 -0.04
CA ALA B 168 -14.64 -22.45 -0.27
C ALA B 168 -14.27 -23.92 -0.46
N TRP B 169 -13.17 -24.18 -1.16
CA TRP B 169 -12.71 -25.55 -1.38
C TRP B 169 -12.35 -26.24 -0.07
N GLU B 170 -11.65 -25.51 0.81
CA GLU B 170 -11.24 -26.08 2.10
C GLU B 170 -12.45 -26.44 2.95
N ILE B 171 -13.50 -25.63 2.86
CA ILE B 171 -14.72 -25.90 3.60
C ILE B 171 -15.42 -27.12 3.04
N ALA B 172 -15.42 -27.27 1.71
CA ALA B 172 -16.00 -28.46 1.10
C ALA B 172 -15.19 -29.71 1.41
N MET B 173 -13.87 -29.56 1.54
CA MET B 173 -13.03 -30.72 1.90
C MET B 173 -13.45 -31.31 3.23
N LEU B 174 -13.99 -30.48 4.13
CA LEU B 174 -14.48 -30.96 5.42
C LEU B 174 -15.85 -31.59 5.30
N GLY B 175 -16.48 -31.57 4.12
CA GLY B 175 -17.75 -32.22 3.91
C GLY B 175 -18.96 -31.30 3.91
N TYR B 176 -18.78 -30.01 4.17
CA TYR B 176 -19.90 -29.09 4.16
C TYR B 176 -20.32 -28.79 2.73
N ALA B 177 -21.62 -28.50 2.55
CA ALA B 177 -22.13 -28.16 1.21
C ALA B 177 -21.77 -26.70 0.97
N CYS B 178 -20.66 -26.47 0.30
CA CYS B 178 -20.09 -25.12 0.20
C CYS B 178 -20.16 -24.60 -1.22
N GLN B 179 -20.66 -23.39 -1.36
CA GLN B 179 -20.69 -22.72 -2.65
C GLN B 179 -19.88 -21.44 -2.59
N GLY B 180 -18.92 -21.30 -3.51
CA GLY B 180 -18.27 -20.03 -3.71
C GLY B 180 -19.00 -19.17 -4.74
N ASN B 181 -18.88 -17.85 -4.58
CA ASN B 181 -19.46 -16.91 -5.52
C ASN B 181 -18.44 -15.84 -5.85
N GLU B 182 -18.39 -15.44 -7.12
CA GLU B 182 -17.40 -14.47 -7.56
C GLU B 182 -17.96 -13.70 -8.74
N TRP B 183 -17.73 -12.39 -8.72
CA TRP B 183 -18.24 -11.51 -9.75
CA TRP B 183 -18.21 -11.44 -9.71
C TRP B 183 -17.23 -11.22 -10.85
N SER B 184 -15.93 -11.24 -10.55
CA SER B 184 -14.92 -10.80 -11.50
C SER B 184 -14.60 -11.90 -12.49
N PHE B 185 -14.61 -11.57 -13.78
CA PHE B 185 -14.21 -12.54 -14.81
C PHE B 185 -12.75 -12.93 -14.66
N PHE B 186 -11.88 -12.00 -14.25
CA PHE B 186 -10.48 -12.33 -13.98
C PHE B 186 -10.38 -13.50 -13.02
N MET B 187 -11.14 -13.45 -11.93
CA MET B 187 -11.11 -14.52 -10.93
C MET B 187 -11.84 -15.76 -11.42
N LEU B 188 -12.97 -15.57 -12.11
CA LEU B 188 -13.75 -16.71 -12.58
C LEU B 188 -13.00 -17.51 -13.64
N PHE B 189 -12.41 -16.84 -14.64
CA PHE B 189 -11.62 -17.55 -15.64
C PHE B 189 -10.50 -18.32 -14.97
N SER B 190 -9.81 -17.67 -14.03
CA SER B 190 -8.65 -18.31 -13.40
C SER B 190 -9.07 -19.45 -12.48
N SER B 191 -10.14 -19.28 -11.71
CA SER B 191 -10.49 -20.37 -10.78
C SER B 191 -11.06 -21.56 -11.54
N ASN B 192 -11.74 -21.32 -12.66
CA ASN B 192 -12.18 -22.44 -13.49
C ASN B 192 -10.98 -23.25 -13.96
N PHE B 193 -9.94 -22.55 -14.44
CA PHE B 193 -8.71 -23.21 -14.84
C PHE B 193 -8.12 -24.05 -13.70
N VAL B 194 -7.92 -23.45 -12.53
CA VAL B 194 -7.31 -24.17 -11.41
C VAL B 194 -8.20 -25.35 -10.98
N LEU B 195 -9.48 -25.08 -10.73
CA LEU B 195 -10.35 -26.08 -10.12
C LEU B 195 -10.72 -27.21 -11.08
N ASN B 196 -10.68 -26.99 -12.39
CA ASN B 196 -11.05 -28.04 -13.32
C ASN B 196 -9.86 -28.66 -14.04
N ARG B 197 -8.81 -27.90 -14.32
CA ARG B 197 -7.73 -28.40 -15.17
C ARG B 197 -6.45 -28.75 -14.45
N CYS B 198 -6.17 -28.11 -13.31
CA CYS B 198 -4.88 -28.25 -12.63
C CYS B 198 -4.95 -29.41 -11.64
N SER B 199 -4.86 -30.62 -12.19
CA SER B 199 -5.06 -31.84 -11.42
C SER B 199 -3.75 -32.54 -11.09
N GLU B 200 -2.63 -31.82 -11.09
CA GLU B 200 -1.34 -32.40 -10.76
C GLU B 200 -0.53 -31.38 -9.97
N ILE B 201 -0.07 -31.80 -8.79
CA ILE B 201 0.44 -30.86 -7.80
C ILE B 201 1.70 -30.19 -8.32
N ASN B 202 1.70 -28.85 -8.26
CA ASN B 202 2.86 -28.02 -8.62
C ASN B 202 3.31 -28.24 -10.07
N LYS B 203 2.40 -28.63 -10.94
CA LYS B 203 2.78 -28.79 -12.35
C LYS B 203 3.00 -27.44 -13.02
N TYR B 204 2.32 -26.39 -12.54
CA TYR B 204 2.40 -25.09 -13.18
C TYR B 204 3.25 -24.12 -12.36
N LYS B 205 3.65 -23.04 -13.03
CA LYS B 205 4.57 -22.08 -12.46
C LYS B 205 4.17 -20.70 -12.96
N LEU B 206 4.32 -19.69 -12.11
CA LEU B 206 4.02 -18.30 -12.43
CA LEU B 206 4.18 -18.34 -12.63
C LEU B 206 5.12 -17.42 -11.86
N TYR B 207 5.25 -16.20 -12.39
CA TYR B 207 6.21 -15.19 -11.92
C TYR B 207 5.41 -13.99 -11.44
N PRO B 208 4.90 -14.04 -10.22
CA PRO B 208 3.94 -13.03 -9.77
C PRO B 208 4.57 -11.72 -9.32
N TRP B 209 5.89 -11.60 -9.25
CA TRP B 209 6.54 -10.39 -8.75
CA TRP B 209 6.47 -10.35 -8.78
C TRP B 209 7.36 -9.67 -9.81
N ILE B 210 7.28 -10.07 -11.08
CA ILE B 210 8.12 -9.41 -12.06
C ILE B 210 7.71 -7.97 -12.29
N HIS B 211 6.51 -7.57 -11.91
N HIS B 211 6.50 -7.59 -11.88
CA HIS B 211 6.15 -6.17 -12.15
CA HIS B 211 6.04 -6.22 -12.08
C HIS B 211 6.66 -5.25 -11.05
C HIS B 211 6.58 -5.27 -11.01
N GLN B 212 7.18 -5.78 -9.95
CA GLN B 212 7.72 -4.95 -8.86
C GLN B 212 9.21 -4.71 -9.09
N PHE B 213 9.55 -3.49 -9.52
CA PHE B 213 10.95 -3.07 -9.69
C PHE B 213 11.52 -2.35 -8.46
N SER B 214 10.66 -1.82 -7.62
CA SER B 214 11.06 -1.19 -6.37
C SER B 214 11.23 -2.22 -5.25
N ASN B 215 11.98 -1.85 -4.23
CA ASN B 215 12.02 -2.57 -2.95
C ASN B 215 12.48 -4.02 -3.10
N ASN B 216 13.38 -4.29 -4.04
CA ASN B 216 13.98 -5.61 -4.21
C ASN B 216 15.35 -5.65 -3.53
N ARG B 217 15.55 -6.61 -2.62
CA ARG B 217 16.85 -6.77 -1.96
C ARG B 217 17.89 -7.29 -2.95
N ARG B 218 17.51 -8.32 -3.72
CA ARG B 218 18.35 -8.94 -4.73
C ARG B 218 17.58 -8.93 -6.04
N SER B 219 18.29 -8.75 -7.14
CA SER B 219 17.65 -8.77 -8.44
C SER B 219 16.94 -10.09 -8.71
N ALA B 220 17.48 -11.20 -8.17
CA ALA B 220 16.86 -12.49 -8.42
C ALA B 220 15.48 -12.60 -7.80
N ASP B 221 15.17 -11.79 -6.78
CA ASP B 221 13.88 -11.94 -6.11
C ASP B 221 12.72 -11.60 -7.04
N GLN B 222 12.93 -10.64 -7.93
CA GLN B 222 11.89 -10.20 -8.85
C GLN B 222 11.45 -11.29 -9.83
N ILE B 223 12.35 -12.18 -10.23
CA ILE B 223 12.06 -13.20 -11.22
C ILE B 223 11.90 -14.59 -10.59
N ARG B 224 11.64 -14.68 -9.26
CA ARG B 224 11.54 -16.03 -8.73
C ARG B 224 10.14 -16.61 -8.98
N PRO B 225 10.04 -17.91 -9.22
CA PRO B 225 8.73 -18.50 -9.52
C PRO B 225 7.96 -18.91 -8.26
N ILE B 226 6.64 -19.04 -8.43
CA ILE B 226 5.82 -19.81 -7.50
C ILE B 226 5.17 -20.93 -8.29
N PHE B 227 4.91 -22.04 -7.61
CA PHE B 227 4.36 -23.23 -8.21
C PHE B 227 2.96 -23.45 -7.68
N PHE B 228 2.11 -24.04 -8.52
CA PHE B 228 0.73 -24.31 -8.13
C PHE B 228 0.21 -25.44 -8.99
N PRO B 229 -0.83 -26.15 -8.55
CA PRO B 229 -1.50 -26.01 -7.24
C PRO B 229 -0.77 -26.83 -6.17
N ASP B 230 -0.78 -26.38 -4.91
CA ASP B 230 -0.09 -27.14 -3.86
C ASP B 230 -0.89 -28.37 -3.40
N VAL B 231 -2.18 -28.42 -3.72
CA VAL B 231 -2.99 -29.60 -3.49
C VAL B 231 -3.72 -29.91 -4.79
N ASP B 232 -4.14 -31.16 -4.94
CA ASP B 232 -4.93 -31.57 -6.10
C ASP B 232 -6.36 -31.13 -5.83
N PRO B 233 -6.89 -30.17 -6.59
CA PRO B 233 -8.26 -29.72 -6.34
C PRO B 233 -9.28 -30.82 -6.44
N HIS B 234 -8.96 -31.92 -7.14
CA HIS B 234 -9.86 -33.05 -7.30
C HIS B 234 -9.68 -34.12 -6.22
N SER B 235 -8.97 -33.81 -5.15
CA SER B 235 -8.92 -34.68 -3.98
C SER B 235 -10.11 -34.48 -3.04
N LEU B 236 -11.09 -33.65 -3.40
CA LEU B 236 -12.35 -33.66 -2.67
C LEU B 236 -12.89 -35.08 -2.62
N PRO B 237 -13.22 -35.62 -1.45
CA PRO B 237 -13.64 -37.02 -1.35
C PRO B 237 -15.01 -37.22 -1.98
N PRO B 238 -15.33 -38.45 -2.36
CA PRO B 238 -16.71 -38.77 -2.74
C PRO B 238 -17.68 -38.35 -1.65
N GLY B 239 -18.80 -37.78 -2.06
CA GLY B 239 -19.73 -37.19 -1.13
C GLY B 239 -19.56 -35.69 -0.92
N SER B 240 -18.47 -35.12 -1.42
CA SER B 240 -18.28 -33.68 -1.35
C SER B 240 -19.33 -32.95 -2.19
N ASN B 241 -19.56 -31.69 -1.85
CA ASN B 241 -20.50 -30.85 -2.57
C ASN B 241 -19.87 -29.46 -2.68
N PHE B 242 -19.12 -29.22 -3.74
CA PHE B 242 -18.41 -27.97 -3.95
C PHE B 242 -18.92 -27.34 -5.24
N SER B 243 -19.22 -26.05 -5.21
CA SER B 243 -19.64 -25.39 -6.44
C SER B 243 -19.23 -23.93 -6.40
N MET B 244 -19.26 -23.30 -7.58
CA MET B 244 -18.90 -21.89 -7.77
C MET B 244 -19.93 -21.23 -8.67
N THR B 245 -20.39 -20.04 -8.29
CA THR B 245 -21.31 -19.27 -9.10
C THR B 245 -20.64 -17.99 -9.60
N ALA B 246 -21.19 -17.48 -10.71
CA ALA B 246 -20.68 -16.29 -11.39
C ALA B 246 -21.70 -15.18 -11.26
N GLY B 247 -21.30 -14.07 -10.68
CA GLY B 247 -22.20 -12.93 -10.65
C GLY B 247 -22.15 -12.13 -9.36
N ASP B 248 -22.87 -11.02 -9.37
CA ASP B 248 -22.96 -10.14 -8.23
C ASP B 248 -23.70 -10.86 -7.10
N PHE B 249 -22.98 -11.11 -6.01
CA PHE B 249 -23.54 -11.64 -4.78
C PHE B 249 -24.93 -11.09 -4.51
N GLN B 250 -25.13 -9.79 -4.72
CA GLN B 250 -26.39 -9.16 -4.35
C GLN B 250 -27.52 -9.44 -5.33
N GLU B 251 -27.22 -9.94 -6.54
CA GLU B 251 -28.27 -10.28 -7.49
C GLU B 251 -28.51 -11.77 -7.59
N ILE B 252 -27.47 -12.58 -7.41
CA ILE B 252 -27.60 -14.03 -7.53
C ILE B 252 -28.46 -14.59 -6.40
N TYR B 253 -28.26 -14.11 -5.17
CA TYR B 253 -28.83 -14.78 -3.99
C TYR B 253 -30.04 -13.98 -3.53
N SER B 254 -31.20 -14.40 -4.00
CA SER B 254 -32.46 -13.74 -3.67
C SER B 254 -33.38 -14.59 -2.80
N GLU B 255 -33.14 -15.89 -2.68
CA GLU B 255 -33.99 -16.72 -1.83
C GLU B 255 -33.68 -16.49 -0.36
N CYS B 256 -34.71 -16.13 0.41
CA CYS B 256 -34.52 -15.89 1.83
C CYS B 256 -34.40 -17.22 2.58
N ASN B 257 -33.79 -17.15 3.77
CA ASN B 257 -33.81 -18.24 4.74
C ASN B 257 -33.26 -19.53 4.11
N THR B 258 -32.13 -19.42 3.44
CA THR B 258 -31.54 -20.52 2.68
C THR B 258 -30.25 -21.06 3.28
N TRP B 259 -29.37 -20.19 3.79
CA TRP B 259 -28.01 -20.57 4.11
C TRP B 259 -27.83 -20.76 5.61
N ASP B 260 -27.12 -21.83 5.98
CA ASP B 260 -26.71 -22.03 7.37
C ASP B 260 -25.58 -21.11 7.75
N CYS B 261 -24.75 -20.72 6.79
CA CYS B 261 -23.54 -19.98 7.11
C CYS B 261 -23.08 -19.20 5.90
N ILE B 262 -22.68 -17.96 6.13
CA ILE B 262 -22.06 -17.12 5.12
C ILE B 262 -20.73 -16.66 5.69
N ALA B 263 -19.67 -16.90 4.93
CA ALA B 263 -18.29 -16.64 5.34
C ALA B 263 -17.70 -15.60 4.41
N THR B 264 -17.45 -14.39 4.92
CA THR B 264 -16.87 -13.31 4.12
C THR B 264 -15.45 -13.05 4.58
N CYS B 265 -14.51 -13.12 3.65
CA CYS B 265 -13.09 -12.97 3.94
C CYS B 265 -12.53 -11.90 3.01
N PHE B 266 -12.13 -10.76 3.57
CA PHE B 266 -11.65 -9.63 2.77
C PHE B 266 -12.68 -9.25 1.70
N PHE B 267 -13.94 -9.14 2.12
CA PHE B 267 -15.00 -8.99 1.13
C PHE B 267 -15.94 -7.82 1.36
N ILE B 268 -16.32 -7.54 2.61
CA ILE B 268 -17.44 -6.60 2.75
C ILE B 268 -17.03 -5.20 2.34
N ASP B 269 -15.73 -4.90 2.31
CA ASP B 269 -15.26 -3.58 1.87
C ASP B 269 -15.22 -3.45 0.35
N THR B 270 -15.62 -4.51 -0.39
CA THR B 270 -15.85 -4.35 -1.83
C THR B 270 -17.18 -3.67 -2.13
N ALA B 271 -18.03 -3.44 -1.13
CA ALA B 271 -19.37 -2.93 -1.41
C ALA B 271 -19.33 -1.46 -1.85
N HIS B 272 -20.16 -1.13 -2.85
CA HIS B 272 -20.62 0.24 -2.99
C HIS B 272 -21.24 0.74 -1.70
N ASN B 273 -22.03 -0.11 -1.05
CA ASN B 273 -22.76 0.26 0.16
C ASN B 273 -22.85 -0.99 1.03
N VAL B 274 -21.99 -1.06 2.05
CA VAL B 274 -21.89 -2.27 2.86
C VAL B 274 -23.22 -2.58 3.56
N ILE B 275 -24.06 -1.57 3.81
CA ILE B 275 -25.38 -1.82 4.38
C ILE B 275 -26.19 -2.76 3.48
N ASP B 276 -26.04 -2.63 2.15
CA ASP B 276 -26.72 -3.55 1.23
C ASP B 276 -26.22 -4.98 1.41
N TYR B 277 -24.91 -5.18 1.61
CA TYR B 277 -24.40 -6.51 1.89
C TYR B 277 -25.04 -7.07 3.17
N ILE B 278 -25.05 -6.25 4.23
CA ILE B 278 -25.61 -6.70 5.51
C ILE B 278 -27.07 -7.07 5.34
N ASP B 279 -27.80 -6.28 4.55
CA ASP B 279 -29.22 -6.56 4.31
C ASP B 279 -29.41 -7.89 3.60
N THR B 280 -28.60 -8.17 2.58
CA THR B 280 -28.68 -9.44 1.88
C THR B 280 -28.36 -10.61 2.80
N ILE B 281 -27.25 -10.49 3.54
CA ILE B 281 -26.82 -11.59 4.42
C ILE B 281 -27.92 -11.90 5.44
N TRP B 282 -28.54 -10.87 6.02
CA TRP B 282 -29.66 -11.09 6.93
C TRP B 282 -30.80 -11.83 6.23
N LYS B 283 -31.13 -11.42 5.00
CA LYS B 283 -32.30 -11.99 4.33
C LYS B 283 -32.08 -13.46 3.97
N ILE B 284 -30.88 -13.82 3.52
CA ILE B 284 -30.70 -15.16 2.97
C ILE B 284 -30.21 -16.18 3.99
N LEU B 285 -29.81 -15.76 5.19
CA LEU B 285 -29.51 -16.73 6.24
C LEU B 285 -30.79 -17.38 6.74
N LYS B 286 -30.72 -18.67 7.03
CA LYS B 286 -31.75 -19.33 7.82
C LYS B 286 -31.81 -18.69 9.21
N PRO B 287 -32.98 -18.68 9.83
CA PRO B 287 -33.03 -18.40 11.27
C PRO B 287 -32.10 -19.37 12.00
N GLY B 288 -31.27 -18.82 12.88
CA GLY B 288 -30.26 -19.62 13.53
C GLY B 288 -28.95 -19.69 12.77
N GLY B 289 -28.92 -19.24 11.52
CA GLY B 289 -27.67 -19.24 10.76
C GLY B 289 -26.70 -18.18 11.24
N ILE B 290 -25.44 -18.33 10.81
CA ILE B 290 -24.38 -17.45 11.25
C ILE B 290 -23.67 -16.81 10.06
N TRP B 291 -23.17 -15.60 10.31
CA TRP B 291 -22.31 -14.90 9.38
C TRP B 291 -20.95 -14.75 10.05
N ILE B 292 -19.94 -15.35 9.46
CA ILE B 292 -18.54 -15.19 9.88
C ILE B 292 -17.87 -14.21 8.94
N ASN B 293 -17.22 -13.20 9.51
CA ASN B 293 -16.50 -12.20 8.73
C ASN B 293 -15.09 -12.05 9.24
N LEU B 294 -14.13 -11.98 8.32
CA LEU B 294 -12.76 -11.63 8.67
C LEU B 294 -12.25 -10.70 7.59
N GLY B 295 -11.80 -9.51 7.97
CA GLY B 295 -11.17 -8.64 7.01
C GLY B 295 -10.98 -7.23 7.48
N PRO B 296 -10.27 -6.43 6.65
CA PRO B 296 -10.08 -5.01 6.96
C PRO B 296 -11.24 -4.20 6.41
N LEU B 297 -11.07 -2.89 6.25
CA LEU B 297 -12.11 -2.04 5.69
C LEU B 297 -11.50 -1.09 4.66
N LEU B 298 -10.87 -1.68 3.64
CA LEU B 298 -10.31 -0.92 2.53
C LEU B 298 -11.38 -0.81 1.46
N TYR B 299 -12.10 0.29 1.44
CA TYR B 299 -13.28 0.39 0.59
C TYR B 299 -12.89 0.55 -0.86
N HIS B 300 -13.34 -0.40 -1.67
CA HIS B 300 -12.87 -0.55 -3.03
C HIS B 300 -13.17 0.68 -3.87
N PHE B 301 -14.36 1.24 -3.75
CA PHE B 301 -14.78 2.34 -4.61
C PHE B 301 -14.48 3.72 -4.02
N GLU B 302 -13.74 3.79 -2.91
CA GLU B 302 -13.54 5.06 -2.22
C GLU B 302 -12.97 6.12 -3.16
N ASN B 303 -11.92 5.77 -3.90
CA ASN B 303 -11.17 6.72 -4.71
C ASN B 303 -11.49 6.57 -6.20
N LEU B 304 -12.77 6.39 -6.53
CA LEU B 304 -13.21 6.26 -7.91
C LEU B 304 -14.34 7.26 -8.14
N ALA B 305 -14.17 8.13 -9.13
CA ALA B 305 -15.20 9.11 -9.44
C ALA B 305 -16.40 8.45 -10.09
N ASN B 306 -17.58 9.01 -9.83
CA ASN B 306 -18.88 8.50 -10.30
C ASN B 306 -19.22 7.13 -9.73
N GLU B 307 -18.60 6.73 -8.62
CA GLU B 307 -18.92 5.47 -7.98
C GLU B 307 -19.46 5.73 -6.58
N LEU B 308 -20.61 5.12 -6.26
CA LEU B 308 -21.11 5.13 -4.90
C LEU B 308 -20.12 4.41 -3.98
N SER B 309 -19.80 5.03 -2.85
CA SER B 309 -18.96 4.37 -1.85
C SER B 309 -19.34 4.90 -0.47
N ILE B 310 -19.96 4.07 0.36
CA ILE B 310 -20.30 4.45 1.72
C ILE B 310 -19.21 3.86 2.62
N GLU B 311 -18.35 4.71 3.16
CA GLU B 311 -17.22 4.24 3.97
C GLU B 311 -17.61 4.29 5.45
N LEU B 312 -17.79 3.12 6.05
CA LEU B 312 -18.16 3.04 7.46
C LEU B 312 -16.98 2.60 8.31
N SER B 313 -16.85 3.19 9.49
CA SER B 313 -15.95 2.65 10.49
C SER B 313 -16.44 1.28 10.92
N TYR B 314 -15.56 0.50 11.55
CA TYR B 314 -15.99 -0.79 12.04
C TYR B 314 -17.08 -0.60 13.10
N GLU B 315 -16.94 0.45 13.92
CA GLU B 315 -17.93 0.77 14.94
C GLU B 315 -19.32 0.96 14.32
N ASP B 316 -19.39 1.69 13.20
CA ASP B 316 -20.68 1.88 12.54
C ASP B 316 -21.18 0.58 11.92
N ILE B 317 -20.29 -0.26 11.39
CA ILE B 317 -20.74 -1.54 10.85
C ILE B 317 -21.39 -2.38 11.95
N LYS B 318 -20.74 -2.47 13.10
CA LYS B 318 -21.30 -3.24 14.20
C LYS B 318 -22.66 -2.67 14.64
N ASN B 319 -22.80 -1.35 14.64
CA ASN B 319 -24.09 -0.75 15.01
C ASN B 319 -25.19 -1.10 14.01
N VAL B 320 -24.87 -1.11 12.72
CA VAL B 320 -25.85 -1.51 11.72
C VAL B 320 -26.21 -2.98 11.90
N VAL B 321 -25.20 -3.83 12.06
CA VAL B 321 -25.44 -5.26 12.28
C VAL B 321 -26.33 -5.50 13.50
N LEU B 322 -26.09 -4.76 14.58
CA LEU B 322 -26.91 -4.95 15.77
C LEU B 322 -28.36 -4.52 15.52
N GLN B 323 -28.55 -3.42 14.78
CA GLN B 323 -29.91 -2.97 14.55
C GLN B 323 -30.69 -3.91 13.65
N TYR B 324 -30.01 -4.71 12.81
CA TYR B 324 -30.71 -5.72 12.03
C TYR B 324 -31.26 -6.83 12.90
N GLY B 325 -30.76 -6.99 14.12
CA GLY B 325 -31.20 -8.06 14.99
C GLY B 325 -30.20 -9.18 15.17
N PHE B 326 -29.04 -9.08 14.52
CA PHE B 326 -27.99 -10.09 14.70
C PHE B 326 -27.52 -10.13 16.15
N LYS B 327 -27.12 -11.30 16.61
CA LYS B 327 -26.51 -11.44 17.93
C LYS B 327 -25.02 -11.72 17.76
N VAL B 328 -24.19 -10.96 18.47
CA VAL B 328 -22.74 -11.10 18.36
C VAL B 328 -22.27 -12.25 19.25
N GLU B 329 -21.62 -13.25 18.65
CA GLU B 329 -21.12 -14.38 19.41
C GLU B 329 -19.61 -14.41 19.55
N VAL B 330 -18.90 -13.86 18.57
CA VAL B 330 -17.45 -13.80 18.57
C VAL B 330 -17.08 -12.44 18.00
N GLU B 331 -16.17 -11.74 18.65
CA GLU B 331 -15.57 -10.53 18.10
C GLU B 331 -14.12 -10.46 18.52
N LYS B 332 -13.21 -10.48 17.54
CA LYS B 332 -11.78 -10.29 17.79
C LYS B 332 -11.29 -9.19 16.88
N GLU B 333 -10.72 -8.15 17.45
CA GLU B 333 -10.06 -7.16 16.60
C GLU B 333 -8.57 -7.45 16.51
N SER B 334 -7.89 -6.76 15.61
CA SER B 334 -6.44 -6.92 15.44
C SER B 334 -6.07 -8.38 15.15
N VAL B 335 -6.77 -8.99 14.19
CA VAL B 335 -6.32 -10.26 13.63
C VAL B 335 -5.37 -9.93 12.48
N LEU B 336 -4.08 -10.16 12.69
CA LEU B 336 -3.06 -9.65 11.78
C LEU B 336 -2.91 -10.54 10.56
N SER B 337 -2.89 -9.94 9.38
CA SER B 337 -2.65 -10.71 8.17
CA SER B 337 -2.59 -10.72 8.18
C SER B 337 -2.06 -9.80 7.10
N THR B 338 -1.46 -10.43 6.11
CA THR B 338 -1.02 -9.82 4.87
C THR B 338 -1.97 -10.28 3.78
N TYR B 339 -1.82 -9.71 2.59
CA TYR B 339 -2.65 -10.12 1.47
C TYR B 339 -1.80 -10.13 0.20
N THR B 340 -1.64 -11.31 -0.41
CA THR B 340 -0.71 -11.55 -1.50
C THR B 340 0.63 -10.87 -1.24
N VAL B 341 1.14 -11.01 -0.01
CA VAL B 341 2.41 -10.38 0.34
C VAL B 341 3.56 -11.02 -0.45
N ASN B 342 4.53 -10.19 -0.82
CA ASN B 342 5.81 -10.62 -1.35
C ASN B 342 6.79 -10.70 -0.18
N ASP B 343 7.06 -11.91 0.31
CA ASP B 343 7.79 -12.11 1.55
C ASP B 343 9.19 -11.51 1.52
N LEU B 344 9.79 -11.37 0.35
CA LEU B 344 11.16 -10.84 0.26
C LEU B 344 11.20 -9.34 0.03
N SER B 345 10.04 -8.71 -0.16
CA SER B 345 10.00 -7.29 -0.47
C SER B 345 10.46 -6.47 0.72
N MET B 346 11.07 -5.33 0.43
CA MET B 346 11.46 -4.35 1.44
C MET B 346 10.29 -3.48 1.89
N MET B 347 9.13 -3.63 1.27
CA MET B 347 7.92 -2.94 1.69
C MET B 347 6.76 -3.92 1.71
N LYS B 348 6.01 -3.94 2.81
CA LYS B 348 4.90 -4.87 2.98
C LYS B 348 3.70 -4.19 3.61
N TYR B 349 2.51 -4.60 3.19
CA TYR B 349 1.26 -4.14 3.76
C TYR B 349 0.78 -5.15 4.79
N TYR B 350 0.33 -4.67 5.94
CA TYR B 350 -0.26 -5.50 6.97
C TYR B 350 -1.66 -5.00 7.28
N TYR B 351 -2.56 -5.93 7.59
CA TYR B 351 -3.95 -5.62 7.89
C TYR B 351 -4.25 -6.10 9.30
N GLU B 352 -4.88 -5.25 10.07
CA GLU B 352 -5.36 -5.62 11.40
C GLU B 352 -6.86 -5.83 11.22
N CYS B 353 -7.22 -7.06 10.86
CA CYS B 353 -8.58 -7.39 10.50
C CYS B 353 -9.44 -7.54 11.73
N VAL B 354 -10.73 -7.42 11.53
CA VAL B 354 -11.68 -7.80 12.56
C VAL B 354 -12.25 -9.15 12.16
N LEU B 355 -12.37 -10.05 13.14
CA LEU B 355 -13.10 -11.29 12.96
C LEU B 355 -14.35 -11.20 13.82
N PHE B 356 -15.52 -11.43 13.22
CA PHE B 356 -16.71 -11.58 14.03
C PHE B 356 -17.58 -12.72 13.50
N VAL B 357 -18.35 -13.30 14.41
CA VAL B 357 -19.41 -14.26 14.11
C VAL B 357 -20.69 -13.71 14.70
N VAL B 358 -21.71 -13.55 13.87
CA VAL B 358 -23.01 -13.11 14.36
C VAL B 358 -24.05 -14.10 13.89
N ARG B 359 -25.12 -14.21 14.67
CA ARG B 359 -26.18 -15.18 14.45
C ARG B 359 -27.50 -14.47 14.17
N LYS B 360 -28.18 -14.90 13.12
CA LYS B 360 -29.56 -14.48 12.92
C LYS B 360 -30.45 -15.23 13.92
N PRO B 361 -31.23 -14.54 14.74
CA PRO B 361 -32.01 -15.23 15.77
C PRO B 361 -32.96 -16.25 15.14
N GLN B 362 -33.13 -17.38 15.81
CA GLN B 362 -34.04 -18.42 15.34
C GLN B 362 -35.49 -17.96 15.46
#